data_2XCM
#
_entry.id   2XCM
#
_cell.length_a   88.890
_cell.length_b   88.890
_cell.length_c   117.820
_cell.angle_alpha   90.00
_cell.angle_beta   90.00
_cell.angle_gamma   120.00
#
_symmetry.space_group_name_H-M   'P 32'
#
loop_
_entity.id
_entity.type
_entity.pdbx_description
1 polymer 'CYTOSOLIC HEAT SHOCK PROTEIN 90'
2 polymer 'SGT1-LIKE PROTEIN'
3 polymer RAR1
4 non-polymer "ADENOSINE-5'-DIPHOSPHATE"
5 non-polymer 'MAGNESIUM ION'
6 non-polymer 'ZINC ION'
7 water water
#
loop_
_entity_poly.entity_id
_entity_poly.type
_entity_poly.pdbx_seq_one_letter_code
_entity_poly.pdbx_strand_id
1 'polypeptide(L)'
;HHAAATETETFAFQAEINQLLSLIINTFYSNKEIFLRELISNSSDALDKIRFESLTDKSKLDAQPELFIHIIPDKATSTL
TIVDSGIGMTKSDLVNNLGTIARSGTKEFMEALAAGADVSMIGQFGVGFYSAYLVAERVVVTTKHNDDEQYVWESQAGGS
FTVTRDTSGEQLGRGTKMVLYLKDDQMEYLEERRIKDLVKKHSEFISYPISLWA
;
A,B
2 'polypeptide(L)'
;AKYRHEYYQKPEEVVVTVFAKGIPKQNVNIDFGEQILSVVIEVPGEDAYYLQPRLFGKIIPDKCKYEVLSTKIEICLAKA
DIITWASLEHGK
;
C,D
3 'polypeptide(L)' AAVIDINQPQVCKNKGCGQTFKERDNHETACSHHPGPAVFHDRLRGWKCCDVHVKEFDEFMEIPPCTKGWHSSS E,F
#
loop_
_chem_comp.id
_chem_comp.type
_chem_comp.name
_chem_comp.formula
ADP non-polymer ADENOSINE-5'-DIPHOSPHATE 'C10 H15 N5 O10 P2'
MG non-polymer 'MAGNESIUM ION' 'Mg 2'
ZN non-polymer 'ZINC ION' 'Zn 2'
#
# COMPACT_ATOMS: atom_id res chain seq x y z
N HIS A 1 5.08 -1.21 33.98
CA HIS A 1 5.47 -2.59 34.30
C HIS A 1 4.86 -3.11 35.60
N HIS A 2 3.81 -3.93 35.47
CA HIS A 2 3.21 -4.62 36.61
C HIS A 2 3.77 -6.04 36.70
N ALA A 3 4.76 -6.23 37.57
CA ALA A 3 5.49 -7.49 37.65
C ALA A 3 4.77 -8.58 38.45
N ALA A 4 3.52 -8.86 38.07
CA ALA A 4 2.75 -9.94 38.69
C ALA A 4 1.42 -10.22 37.97
N ALA A 5 1.22 -9.58 36.83
CA ALA A 5 -0.04 -9.68 36.09
C ALA A 5 -0.26 -11.04 35.43
N THR A 6 -0.28 -12.10 36.24
CA THR A 6 -0.70 -13.41 35.76
C THR A 6 -1.77 -13.99 36.68
N GLU A 7 -3.00 -13.58 36.43
CA GLU A 7 -4.14 -13.87 37.27
C GLU A 7 -4.99 -14.97 36.64
N THR A 8 -6.29 -14.71 36.61
CA THR A 8 -7.22 -15.47 35.81
C THR A 8 -8.03 -14.43 35.04
N GLU A 9 -8.05 -14.53 33.72
CA GLU A 9 -8.82 -13.60 32.92
C GLU A 9 -10.18 -14.23 32.57
N THR A 10 -11.25 -13.43 32.67
CA THR A 10 -12.59 -13.88 32.30
C THR A 10 -13.03 -13.13 31.05
N PHE A 11 -13.61 -13.86 30.10
CA PHE A 11 -14.07 -13.28 28.84
C PHE A 11 -15.52 -13.63 28.60
N ALA A 12 -16.26 -12.72 27.98
CA ALA A 12 -17.60 -13.05 27.50
C ALA A 12 -17.52 -13.67 26.11
N PHE A 13 -18.31 -14.71 25.85
CA PHE A 13 -18.42 -15.18 24.48
C PHE A 13 -19.06 -14.09 23.65
N GLN A 14 -18.77 -14.08 22.35
CA GLN A 14 -19.52 -13.26 21.40
C GLN A 14 -20.97 -13.72 21.40
N ALA A 15 -21.89 -12.77 21.27
CA ALA A 15 -23.30 -13.08 21.20
C ALA A 15 -23.61 -14.32 20.34
N GLU A 16 -23.03 -14.39 19.14
CA GLU A 16 -23.40 -15.43 18.19
C GLU A 16 -22.96 -16.81 18.66
N ILE A 17 -21.92 -16.83 19.47
CA ILE A 17 -21.41 -18.06 20.04
C ILE A 17 -22.27 -18.47 21.22
N ASN A 18 -22.73 -17.48 22.01
CA ASN A 18 -23.72 -17.76 23.05
C ASN A 18 -24.98 -18.37 22.42
N GLN A 19 -25.45 -17.78 21.32
CA GLN A 19 -26.58 -18.36 20.60
C GLN A 19 -26.29 -19.79 20.12
N LEU A 20 -25.18 -19.97 19.42
CA LEU A 20 -24.76 -21.30 18.98
C LEU A 20 -24.78 -22.30 20.15
N LEU A 21 -24.09 -21.95 21.24
CA LEU A 21 -24.08 -22.80 22.41
C LEU A 21 -25.49 -23.16 22.89
N SER A 22 -26.39 -22.17 23.00
CA SER A 22 -27.73 -22.42 23.48
C SER A 22 -28.47 -23.39 22.55
N LEU A 23 -28.26 -23.21 21.25
CA LEU A 23 -28.88 -24.09 20.26
C LEU A 23 -28.40 -25.52 20.43
N ILE A 24 -27.10 -25.67 20.63
CA ILE A 24 -26.46 -26.97 20.83
C ILE A 24 -26.92 -27.64 22.14
N ILE A 25 -27.10 -26.85 23.18
CA ILE A 25 -27.38 -27.41 24.48
C ILE A 25 -28.88 -27.64 24.74
N ASN A 26 -29.73 -26.87 24.09
CA ASN A 26 -31.17 -26.90 24.39
C ASN A 26 -32.06 -27.58 23.37
N THR A 27 -31.49 -28.23 22.37
CA THR A 27 -32.32 -28.94 21.41
C THR A 27 -31.93 -30.42 21.37
N PHE A 28 -32.87 -31.28 20.97
CA PHE A 28 -32.58 -32.71 20.94
C PHE A 28 -31.93 -33.11 19.62
N TYR A 29 -30.86 -33.89 19.72
CA TYR A 29 -30.17 -34.45 18.56
C TYR A 29 -29.99 -35.93 18.80
N SER A 30 -30.26 -36.73 17.78
CA SER A 30 -30.13 -38.18 17.92
C SER A 30 -28.71 -38.68 17.61
N ASN A 31 -27.90 -37.83 16.99
CA ASN A 31 -26.52 -38.19 16.70
C ASN A 31 -25.49 -37.34 17.43
N LYS A 32 -25.54 -37.36 18.76
CA LYS A 32 -24.62 -36.54 19.56
C LYS A 32 -23.19 -37.08 19.47
N GLU A 33 -23.07 -38.38 19.14
CA GLU A 33 -21.80 -39.06 19.05
C GLU A 33 -20.81 -38.41 18.07
N ILE A 34 -21.30 -37.55 17.17
CA ILE A 34 -20.42 -36.88 16.22
C ILE A 34 -19.41 -35.96 16.90
N PHE A 35 -19.61 -35.64 18.18
CA PHE A 35 -18.66 -34.80 18.90
C PHE A 35 -17.25 -35.39 18.86
N LEU A 36 -17.13 -36.70 19.06
CA LEU A 36 -15.81 -37.34 19.05
C LEU A 36 -15.09 -37.14 17.71
N ARG A 37 -15.80 -37.29 16.62
CA ARG A 37 -15.20 -37.08 15.30
C ARG A 37 -14.67 -35.64 15.16
N GLU A 38 -15.46 -34.68 15.64
CA GLU A 38 -15.06 -33.27 15.56
C GLU A 38 -13.79 -32.96 16.34
N LEU A 39 -13.61 -33.61 17.49
CA LEU A 39 -12.43 -33.36 18.31
C LEU A 39 -11.19 -34.03 17.74
N ILE A 40 -11.38 -35.24 17.23
CA ILE A 40 -10.32 -35.92 16.51
C ILE A 40 -9.91 -35.11 15.27
N SER A 41 -10.87 -34.53 14.55
CA SER A 41 -10.52 -33.72 13.39
C SER A 41 -9.62 -32.53 13.80
N ASN A 42 -10.02 -31.84 14.86
CA ASN A 42 -9.26 -30.69 15.35
C ASN A 42 -7.85 -31.11 15.78
N SER A 43 -7.72 -32.26 16.41
CA SER A 43 -6.39 -32.77 16.77
C SER A 43 -5.59 -33.06 15.50
N SER A 44 -6.24 -33.68 14.53
CA SER A 44 -5.56 -34.03 13.28
C SER A 44 -5.06 -32.78 12.58
N ASP A 45 -5.90 -31.75 12.56
CA ASP A 45 -5.52 -30.48 11.98
C ASP A 45 -4.32 -29.87 12.69
N ALA A 46 -4.34 -29.92 14.02
CA ALA A 46 -3.24 -29.36 14.80
C ALA A 46 -1.93 -30.16 14.62
N LEU A 47 -2.04 -31.47 14.47
CA LEU A 47 -0.86 -32.28 14.20
C LEU A 47 -0.30 -31.96 12.80
N ASP A 48 -1.18 -31.79 11.82
CA ASP A 48 -0.75 -31.37 10.49
C ASP A 48 0.09 -30.09 10.55
N LYS A 49 -0.40 -29.09 11.28
CA LYS A 49 0.30 -27.80 11.36
C LYS A 49 1.74 -27.91 11.88
N ILE A 50 1.94 -28.58 13.01
CA ILE A 50 3.29 -28.72 13.55
C ILE A 50 4.16 -29.62 12.64
N ARG A 51 3.53 -30.61 12.00
CA ARG A 51 4.23 -31.44 11.02
C ARG A 51 4.76 -30.59 9.89
N PHE A 52 3.89 -29.75 9.34
CA PHE A 52 4.25 -28.89 8.23
C PHE A 52 5.38 -27.96 8.64
N GLU A 53 5.19 -27.25 9.75
CA GLU A 53 6.24 -26.39 10.28
C GLU A 53 7.56 -27.17 10.38
N SER A 54 7.51 -28.40 10.87
CA SER A 54 8.74 -29.15 11.07
C SER A 54 9.52 -29.51 9.78
N LEU A 55 8.85 -29.48 8.64
CA LEU A 55 9.52 -29.75 7.38
C LEU A 55 10.66 -28.78 7.08
N THR A 56 10.57 -27.56 7.61
CA THR A 56 11.60 -26.57 7.35
C THR A 56 12.41 -26.23 8.60
N ASP A 57 12.10 -26.90 9.71
CA ASP A 57 12.79 -26.67 10.97
C ASP A 57 12.57 -27.85 11.91
N LYS A 58 13.50 -28.80 11.89
CA LYS A 58 13.34 -30.06 12.62
C LYS A 58 13.24 -29.87 14.14
N SER A 59 13.80 -28.76 14.63
CA SER A 59 13.78 -28.47 16.06
C SER A 59 12.38 -28.14 16.58
N LYS A 60 11.44 -27.95 15.65
CA LYS A 60 10.05 -27.66 15.99
C LYS A 60 9.42 -28.75 16.84
N LEU A 61 9.92 -29.98 16.72
CA LEU A 61 9.35 -31.12 17.44
C LEU A 61 9.98 -31.44 18.80
N ASP A 62 11.04 -30.71 19.12
CA ASP A 62 11.85 -31.03 20.30
C ASP A 62 11.09 -31.32 21.61
N ALA A 63 10.08 -30.52 21.93
CA ALA A 63 9.38 -30.68 23.20
C ALA A 63 8.50 -31.93 23.26
N GLN A 64 8.35 -32.62 22.12
CA GLN A 64 7.53 -33.82 22.02
C GLN A 64 7.72 -34.43 20.62
N PRO A 65 8.69 -35.33 20.46
CA PRO A 65 9.05 -35.77 19.11
C PRO A 65 7.97 -36.62 18.43
N GLU A 66 7.06 -37.18 19.22
CA GLU A 66 6.03 -38.05 18.67
C GLU A 66 4.73 -37.31 18.34
N LEU A 67 4.13 -37.64 17.19
CA LEU A 67 2.82 -37.15 16.77
C LEU A 67 1.72 -38.17 17.06
N PHE A 68 0.82 -37.85 18.00
CA PHE A 68 -0.19 -38.82 18.43
C PHE A 68 -1.48 -38.21 18.94
N ILE A 69 -2.46 -39.07 19.14
CA ILE A 69 -3.71 -38.71 19.76
C ILE A 69 -4.05 -39.78 20.80
N HIS A 70 -4.25 -39.37 22.05
CA HIS A 70 -4.62 -40.27 23.13
C HIS A 70 -6.02 -39.98 23.63
N ILE A 71 -6.80 -41.03 23.83
CA ILE A 71 -8.14 -40.90 24.35
C ILE A 71 -8.18 -41.64 25.68
N ILE A 72 -8.64 -40.96 26.72
CA ILE A 72 -8.63 -41.54 28.07
C ILE A 72 -9.95 -41.32 28.79
N PRO A 73 -10.77 -42.38 28.87
CA PRO A 73 -12.01 -42.32 29.66
C PRO A 73 -11.70 -42.57 31.12
N ASP A 74 -12.45 -41.94 32.02
CA ASP A 74 -12.28 -42.14 33.46
C ASP A 74 -13.62 -42.18 34.15
N LYS A 75 -14.00 -43.37 34.60
CA LYS A 75 -15.33 -43.57 35.20
C LYS A 75 -15.40 -42.92 36.58
N ALA A 76 -14.27 -42.93 37.28
CA ALA A 76 -14.17 -42.29 38.59
C ALA A 76 -14.57 -40.80 38.57
N THR A 77 -14.08 -40.06 37.59
CA THR A 77 -14.42 -38.62 37.50
C THR A 77 -15.52 -38.33 36.49
N SER A 78 -15.98 -39.35 35.78
CA SER A 78 -16.94 -39.12 34.69
C SER A 78 -16.39 -38.16 33.60
N THR A 79 -15.13 -38.34 33.22
CA THR A 79 -14.56 -37.49 32.18
C THR A 79 -14.01 -38.29 31.01
N LEU A 80 -14.15 -37.72 29.82
CA LEU A 80 -13.53 -38.25 28.61
C LEU A 80 -12.46 -37.25 28.18
N THR A 81 -11.21 -37.69 28.13
CA THR A 81 -10.11 -36.80 27.82
C THR A 81 -9.52 -37.14 26.45
N ILE A 82 -9.18 -36.11 25.69
CA ILE A 82 -8.50 -36.29 24.42
C ILE A 82 -7.26 -35.44 24.38
N VAL A 83 -6.12 -36.09 24.12
CA VAL A 83 -4.83 -35.42 24.10
C VAL A 83 -4.14 -35.58 22.75
N ASP A 84 -3.55 -34.52 22.25
CA ASP A 84 -2.78 -34.59 21.02
C ASP A 84 -1.47 -33.85 21.18
N SER A 85 -0.50 -34.19 20.33
CA SER A 85 0.78 -33.47 20.34
C SER A 85 0.86 -32.51 19.14
N GLY A 86 -0.29 -31.90 18.81
CA GLY A 86 -0.34 -30.95 17.73
C GLY A 86 0.38 -29.65 18.06
N ILE A 87 0.13 -28.62 17.26
CA ILE A 87 0.84 -27.35 17.37
C ILE A 87 0.49 -26.60 18.66
N GLY A 88 -0.63 -26.97 19.27
CA GLY A 88 -1.03 -26.31 20.49
C GLY A 88 -1.47 -24.87 20.23
N MET A 89 -1.82 -24.16 21.29
CA MET A 89 -2.32 -22.81 21.14
C MET A 89 -1.68 -21.87 22.12
N THR A 90 -1.34 -20.71 21.58
CA THR A 90 -0.84 -19.60 22.32
C THR A 90 -1.99 -19.05 23.22
N LYS A 91 -1.68 -18.30 24.28
CA LYS A 91 -2.75 -17.68 25.07
C LYS A 91 -3.67 -16.85 24.18
N SER A 92 -3.07 -16.08 23.28
CA SER A 92 -3.83 -15.28 22.31
C SER A 92 -4.72 -16.16 21.43
N ASP A 93 -4.20 -17.30 21.00
CA ASP A 93 -4.97 -18.25 20.18
C ASP A 93 -6.25 -18.66 20.92
N LEU A 94 -6.11 -18.98 22.21
CA LEU A 94 -7.26 -19.40 23.01
C LEU A 94 -8.39 -18.37 23.01
N VAL A 95 -8.03 -17.14 23.34
CA VAL A 95 -8.98 -16.06 23.44
C VAL A 95 -9.59 -15.79 22.08
N ASN A 96 -8.74 -15.70 21.06
CA ASN A 96 -9.18 -15.38 19.71
C ASN A 96 -10.02 -16.49 19.06
N ASN A 97 -9.56 -17.74 19.19
CA ASN A 97 -10.14 -18.84 18.44
C ASN A 97 -11.29 -19.55 19.16
N LEU A 98 -11.30 -19.50 20.50
CA LEU A 98 -12.31 -20.22 21.29
C LEU A 98 -13.21 -19.31 22.14
N GLY A 99 -13.81 -18.29 21.53
CA GLY A 99 -14.91 -17.60 22.18
C GLY A 99 -15.14 -16.14 21.85
N THR A 100 -14.05 -15.45 21.59
CA THR A 100 -14.07 -14.01 21.54
C THR A 100 -14.23 -13.44 20.11
N ILE A 101 -14.08 -14.30 19.11
CA ILE A 101 -14.35 -13.90 17.73
C ILE A 101 -15.38 -14.82 17.06
N ALA A 102 -16.49 -14.23 16.62
CA ALA A 102 -17.48 -14.97 15.86
C ALA A 102 -16.99 -15.11 14.42
N ARG A 103 -16.57 -16.32 14.04
CA ARG A 103 -16.17 -16.60 12.67
C ARG A 103 -17.42 -16.60 11.77
N SER A 104 -17.24 -16.28 10.49
CA SER A 104 -18.36 -16.12 9.54
C SER A 104 -19.30 -17.34 9.42
N GLY A 105 -18.75 -18.54 9.56
CA GLY A 105 -19.55 -19.74 9.50
C GLY A 105 -20.55 -19.92 10.64
N THR A 106 -20.34 -19.19 11.74
CA THR A 106 -21.19 -19.34 12.92
C THR A 106 -22.65 -18.99 12.64
N LYS A 107 -22.88 -17.77 12.17
CA LYS A 107 -24.23 -17.31 11.85
C LYS A 107 -24.80 -18.12 10.69
N GLU A 108 -23.93 -18.56 9.80
CA GLU A 108 -24.31 -19.37 8.66
C GLU A 108 -24.76 -20.76 9.05
N PHE A 109 -24.09 -21.35 10.02
CA PHE A 109 -24.43 -22.68 10.52
C PHE A 109 -25.76 -22.66 11.25
N MET A 110 -26.00 -21.59 11.99
CA MET A 110 -27.27 -21.44 12.70
C MET A 110 -28.44 -21.35 11.73
N GLU A 111 -28.27 -20.59 10.66
CA GLU A 111 -29.31 -20.49 9.65
C GLU A 111 -29.52 -21.83 8.95
N ALA A 112 -28.43 -22.50 8.60
CA ALA A 112 -28.50 -23.83 7.97
C ALA A 112 -29.26 -24.84 8.84
N LEU A 113 -29.08 -24.75 10.15
CA LEU A 113 -29.76 -25.64 11.10
C LEU A 113 -31.27 -25.36 11.14
N ALA A 114 -31.62 -24.08 11.12
CA ALA A 114 -33.01 -23.67 11.17
C ALA A 114 -33.75 -24.05 9.89
N ALA A 115 -33.01 -24.10 8.78
CA ALA A 115 -33.59 -24.48 7.49
C ALA A 115 -33.75 -26.01 7.31
N GLY A 116 -33.08 -26.78 8.15
CA GLY A 116 -33.23 -28.22 8.14
C GLY A 116 -31.96 -29.06 8.13
N ALA A 117 -30.80 -28.41 8.10
CA ALA A 117 -29.52 -29.13 8.05
C ALA A 117 -29.20 -29.85 9.36
N ASP A 118 -28.51 -30.98 9.23
CA ASP A 118 -28.16 -31.82 10.38
C ASP A 118 -26.94 -31.27 11.13
N VAL A 119 -26.96 -31.40 12.45
CA VAL A 119 -25.91 -30.88 13.31
C VAL A 119 -24.55 -31.46 12.96
N SER A 120 -24.56 -32.59 12.26
CA SER A 120 -23.32 -33.24 11.82
C SER A 120 -22.47 -32.34 10.92
N MET A 121 -23.08 -31.33 10.33
CA MET A 121 -22.40 -30.41 9.42
C MET A 121 -21.50 -29.41 10.15
N ILE A 122 -21.55 -29.42 11.48
CA ILE A 122 -20.92 -28.37 12.28
C ILE A 122 -19.42 -28.15 11.95
N GLY A 123 -18.70 -29.23 11.68
CA GLY A 123 -17.29 -29.13 11.29
C GLY A 123 -17.04 -28.28 10.06
N GLN A 124 -17.96 -28.32 9.10
CA GLN A 124 -17.77 -27.61 7.84
C GLN A 124 -17.96 -26.10 7.99
N PHE A 125 -18.63 -25.68 9.06
CA PHE A 125 -18.94 -24.27 9.27
C PHE A 125 -17.96 -23.55 10.20
N GLY A 126 -16.84 -24.21 10.49
CA GLY A 126 -15.78 -23.58 11.27
C GLY A 126 -16.06 -23.43 12.76
N VAL A 127 -16.91 -24.29 13.32
CA VAL A 127 -17.28 -24.20 14.73
C VAL A 127 -17.38 -25.58 15.42
N GLY A 128 -16.73 -26.58 14.84
CA GLY A 128 -16.81 -27.95 15.35
C GLY A 128 -16.49 -28.13 16.82
N PHE A 129 -15.63 -27.29 17.37
CA PHE A 129 -15.23 -27.43 18.77
C PHE A 129 -16.39 -27.41 19.76
N TYR A 130 -17.42 -26.62 19.47
CA TYR A 130 -18.50 -26.40 20.42
C TYR A 130 -19.45 -27.60 20.51
N SER A 131 -19.29 -28.54 19.59
CA SER A 131 -20.04 -29.78 19.59
C SER A 131 -19.72 -30.59 20.85
N ALA A 132 -18.61 -30.28 21.50
CA ALA A 132 -18.31 -30.95 22.76
C ALA A 132 -19.46 -30.75 23.75
N TYR A 133 -20.18 -29.64 23.63
CA TYR A 133 -21.28 -29.35 24.55
C TYR A 133 -22.52 -30.17 24.25
N LEU A 134 -22.47 -30.98 23.21
CA LEU A 134 -23.51 -31.98 22.96
C LEU A 134 -23.52 -33.00 24.08
N VAL A 135 -22.34 -33.35 24.58
CA VAL A 135 -22.26 -34.40 25.61
C VAL A 135 -21.68 -33.92 26.94
N ALA A 136 -20.99 -32.79 26.94
CA ALA A 136 -20.36 -32.33 28.18
C ALA A 136 -21.05 -31.10 28.74
N GLU A 137 -21.02 -30.97 30.07
CA GLU A 137 -21.61 -29.83 30.75
C GLU A 137 -20.52 -28.80 31.04
N ARG A 138 -19.29 -29.28 31.00
CA ARG A 138 -18.11 -28.48 31.31
C ARG A 138 -16.92 -29.00 30.49
N VAL A 139 -16.12 -28.08 29.95
CA VAL A 139 -14.93 -28.46 29.21
C VAL A 139 -13.73 -27.65 29.71
N VAL A 140 -12.64 -28.34 29.99
CA VAL A 140 -11.39 -27.64 30.23
C VAL A 140 -10.32 -28.08 29.24
N VAL A 141 -9.67 -27.08 28.67
CA VAL A 141 -8.69 -27.27 27.63
C VAL A 141 -7.35 -26.82 28.19
N THR A 142 -6.37 -27.70 28.30
CA THR A 142 -5.03 -27.21 28.57
C THR A 142 -4.17 -27.32 27.32
N THR A 143 -3.30 -26.36 27.11
CA THR A 143 -2.63 -26.32 25.83
C THR A 143 -1.24 -25.70 25.94
N LYS A 144 -0.34 -26.17 25.09
CA LYS A 144 1.03 -25.69 25.09
C LYS A 144 1.54 -25.55 23.67
N HIS A 145 1.86 -24.32 23.31
CA HIS A 145 2.43 -23.94 22.02
C HIS A 145 3.93 -23.65 22.20
N ASN A 146 4.75 -23.92 21.19
CA ASN A 146 6.19 -23.67 21.31
C ASN A 146 6.52 -22.25 21.76
N ASP A 147 5.71 -21.28 21.34
CA ASP A 147 6.01 -19.86 21.58
C ASP A 147 5.56 -19.33 22.94
N ASP A 148 4.79 -20.10 23.69
CA ASP A 148 4.14 -19.54 24.88
C ASP A 148 4.21 -20.52 26.04
N GLU A 149 3.65 -20.12 27.18
CA GLU A 149 3.58 -21.01 28.32
C GLU A 149 2.28 -21.78 28.26
N GLN A 150 2.17 -22.77 29.12
CA GLN A 150 0.97 -23.59 29.18
C GLN A 150 -0.20 -22.85 29.84
N TYR A 151 -1.34 -22.87 29.16
CA TYR A 151 -2.55 -22.22 29.63
C TYR A 151 -3.73 -23.18 29.65
N VAL A 152 -4.73 -22.85 30.45
CA VAL A 152 -5.95 -23.61 30.61
C VAL A 152 -7.16 -22.72 30.36
N TRP A 153 -8.03 -23.16 29.46
CA TRP A 153 -9.27 -22.48 29.13
C TRP A 153 -10.37 -23.33 29.73
N GLU A 154 -11.41 -22.71 30.26
CA GLU A 154 -12.49 -23.45 30.89
C GLU A 154 -13.82 -22.75 30.73
N SER A 155 -14.87 -23.52 30.48
CA SER A 155 -16.20 -22.96 30.37
C SER A 155 -17.32 -23.98 30.59
N GLN A 156 -18.41 -23.51 31.18
CA GLN A 156 -19.61 -24.32 31.35
C GLN A 156 -20.69 -23.79 30.43
N ALA A 157 -20.28 -22.95 29.49
CA ALA A 157 -21.18 -22.44 28.49
C ALA A 157 -22.32 -21.59 29.11
N GLY A 158 -21.96 -20.77 30.09
CA GLY A 158 -22.93 -19.90 30.71
C GLY A 158 -22.75 -18.44 30.33
N GLY A 159 -22.23 -18.18 29.13
CA GLY A 159 -21.95 -16.82 28.69
C GLY A 159 -20.50 -16.38 28.81
N SER A 160 -19.68 -17.14 29.51
CA SER A 160 -18.28 -16.74 29.69
C SER A 160 -17.30 -17.92 29.74
N PHE A 161 -16.01 -17.62 29.58
CA PHE A 161 -14.95 -18.60 29.80
C PHE A 161 -13.76 -17.94 30.47
N THR A 162 -12.89 -18.74 31.09
CA THR A 162 -11.65 -18.19 31.65
C THR A 162 -10.40 -18.74 30.99
N VAL A 163 -9.31 -17.99 31.12
CA VAL A 163 -8.01 -18.42 30.68
C VAL A 163 -7.01 -18.17 31.79
N THR A 164 -6.27 -19.21 32.17
CA THR A 164 -5.41 -19.15 33.34
C THR A 164 -4.06 -19.76 33.02
N ARG A 165 -2.97 -19.07 33.37
CA ARG A 165 -1.65 -19.66 33.20
C ARG A 165 -1.59 -20.91 34.07
N ASP A 166 -1.14 -22.01 33.50
CA ASP A 166 -1.18 -23.28 34.20
C ASP A 166 0.20 -23.68 34.73
N THR A 167 0.55 -23.15 35.89
CA THR A 167 1.80 -23.51 36.55
C THR A 167 1.52 -24.44 37.72
N SER A 168 1.34 -25.73 37.42
CA SER A 168 1.13 -26.75 38.44
C SER A 168 0.53 -28.03 37.83
N GLY A 169 -0.17 -27.87 36.73
CA GLY A 169 -0.70 -29.01 36.00
C GLY A 169 0.41 -29.90 35.48
N GLU A 170 0.03 -31.05 34.92
CA GLU A 170 0.96 -32.06 34.44
C GLU A 170 2.14 -31.54 33.62
N GLN A 171 1.85 -30.71 32.61
CA GLN A 171 2.87 -30.14 31.69
C GLN A 171 3.02 -30.92 30.39
N LEU A 172 2.24 -30.51 29.40
CA LEU A 172 2.09 -31.20 28.12
C LEU A 172 3.36 -31.36 27.29
N GLY A 173 4.25 -30.38 27.36
CA GLY A 173 5.41 -30.36 26.46
C GLY A 173 5.11 -29.64 25.15
N ARG A 174 4.09 -30.11 24.42
CA ARG A 174 3.54 -29.40 23.26
C ARG A 174 2.22 -30.09 22.91
N GLY A 175 1.18 -29.32 22.64
CA GLY A 175 -0.09 -29.90 22.22
C GLY A 175 -1.28 -29.44 23.02
N THR A 176 -2.39 -30.16 22.92
CA THR A 176 -3.53 -29.77 23.73
C THR A 176 -4.32 -30.95 24.27
N LYS A 177 -4.85 -30.73 25.47
CA LYS A 177 -5.67 -31.70 26.16
C LYS A 177 -7.06 -31.11 26.38
N MET A 178 -8.07 -31.84 25.97
CA MET A 178 -9.45 -31.46 26.26
C MET A 178 -10.08 -32.48 27.21
N VAL A 179 -10.58 -31.99 28.33
CA VAL A 179 -11.26 -32.85 29.29
C VAL A 179 -12.75 -32.52 29.24
N LEU A 180 -13.57 -33.48 28.82
CA LEU A 180 -15.01 -33.29 28.79
C LEU A 180 -15.69 -33.89 30.02
N TYR A 181 -16.42 -33.07 30.78
CA TYR A 181 -17.21 -33.55 31.91
C TYR A 181 -18.60 -33.94 31.44
N LEU A 182 -18.83 -35.23 31.28
CA LEU A 182 -20.04 -35.70 30.62
C LEU A 182 -21.29 -35.49 31.48
N LYS A 183 -22.38 -35.11 30.82
CA LYS A 183 -23.69 -35.02 31.46
C LYS A 183 -24.19 -36.41 31.89
N ASP A 184 -25.12 -36.43 32.85
CA ASP A 184 -25.60 -37.67 33.48
C ASP A 184 -26.03 -38.74 32.49
N ASP A 185 -26.76 -38.35 31.46
CA ASP A 185 -27.25 -39.31 30.49
C ASP A 185 -26.30 -39.58 29.30
N GLN A 186 -25.01 -39.31 29.47
CA GLN A 186 -24.07 -39.45 28.36
C GLN A 186 -22.88 -40.31 28.73
N MET A 187 -23.04 -41.08 29.79
CA MET A 187 -21.98 -41.94 30.33
C MET A 187 -21.53 -43.06 29.37
N GLU A 188 -22.31 -43.30 28.33
CA GLU A 188 -21.94 -44.34 27.38
C GLU A 188 -20.57 -44.09 26.71
N TYR A 189 -20.10 -42.84 26.73
CA TYR A 189 -18.84 -42.50 26.04
C TYR A 189 -17.61 -42.79 26.87
N LEU A 190 -17.82 -43.46 28.00
CA LEU A 190 -16.71 -43.91 28.82
C LEU A 190 -16.38 -45.39 28.58
N GLU A 191 -17.24 -46.08 27.85
CA GLU A 191 -17.05 -47.50 27.57
C GLU A 191 -16.06 -47.72 26.41
N GLU A 192 -15.08 -48.61 26.65
CA GLU A 192 -14.01 -48.89 25.69
C GLU A 192 -14.55 -49.24 24.32
N ARG A 193 -15.60 -50.04 24.30
CA ARG A 193 -16.11 -50.55 23.04
C ARG A 193 -16.86 -49.48 22.27
N ARG A 194 -17.57 -48.61 22.99
CA ARG A 194 -18.31 -47.52 22.39
C ARG A 194 -17.32 -46.59 21.68
N ILE A 195 -16.21 -46.31 22.35
CA ILE A 195 -15.20 -45.43 21.80
C ILE A 195 -14.55 -46.07 20.59
N LYS A 196 -14.19 -47.35 20.74
CA LYS A 196 -13.56 -48.11 19.66
C LYS A 196 -14.42 -48.12 18.41
N ASP A 197 -15.67 -48.50 18.55
CA ASP A 197 -16.55 -48.53 17.40
C ASP A 197 -16.68 -47.13 16.80
N LEU A 198 -16.69 -46.11 17.66
CA LEU A 198 -16.94 -44.74 17.22
C LEU A 198 -15.75 -44.21 16.41
N VAL A 199 -14.55 -44.47 16.92
CA VAL A 199 -13.34 -44.12 16.25
C VAL A 199 -13.31 -44.81 14.89
N LYS A 200 -13.74 -46.08 14.87
CA LYS A 200 -13.75 -46.85 13.65
C LYS A 200 -14.83 -46.34 12.68
N LYS A 201 -15.95 -45.94 13.21
CA LYS A 201 -17.04 -45.43 12.41
C LYS A 201 -16.77 -44.13 11.69
N HIS A 202 -16.25 -43.15 12.39
CA HIS A 202 -16.17 -41.78 11.86
C HIS A 202 -14.75 -41.31 11.57
N SER A 203 -13.78 -42.00 12.15
CA SER A 203 -12.40 -41.62 11.92
C SER A 203 -11.71 -42.66 11.04
N GLU A 204 -11.15 -43.68 11.68
CA GLU A 204 -10.66 -44.86 10.97
C GLU A 204 -9.44 -44.62 10.12
N PHE A 205 -9.51 -43.67 9.19
CA PHE A 205 -8.37 -43.43 8.30
C PHE A 205 -7.64 -42.12 8.61
N ILE A 206 -7.42 -41.83 9.88
CA ILE A 206 -6.63 -40.65 10.22
C ILE A 206 -5.15 -41.01 10.22
N SER A 207 -4.30 -40.02 9.97
CA SER A 207 -2.92 -40.28 9.58
C SER A 207 -1.97 -40.34 10.75
N TYR A 208 -2.51 -40.28 11.97
CA TYR A 208 -1.71 -40.29 13.19
C TYR A 208 -2.25 -41.37 14.11
N PRO A 209 -1.36 -42.03 14.89
CA PRO A 209 -1.84 -43.15 15.72
C PRO A 209 -2.76 -42.68 16.85
N ILE A 210 -3.92 -43.29 16.95
CA ILE A 210 -4.83 -43.00 18.05
C ILE A 210 -4.78 -44.17 19.03
N SER A 211 -4.44 -43.91 20.28
CA SER A 211 -4.49 -44.98 21.26
C SER A 211 -5.43 -44.69 22.45
N LEU A 212 -5.94 -45.75 23.07
CA LEU A 212 -7.12 -45.67 23.93
C LEU A 212 -6.89 -45.66 25.44
N TRP A 213 -5.87 -46.35 25.94
CA TRP A 213 -5.59 -46.27 27.38
C TRP A 213 -6.82 -46.61 28.22
N HIS B 1 26.69 4.44 -21.42
CA HIS B 1 26.76 5.90 -21.53
C HIS B 1 27.10 6.38 -22.95
N HIS B 2 26.18 7.13 -23.54
CA HIS B 2 26.44 7.79 -24.83
C HIS B 2 26.49 9.30 -24.67
N ALA B 3 27.70 9.87 -24.79
CA ALA B 3 27.85 11.31 -24.87
C ALA B 3 27.30 11.78 -26.21
N ALA B 4 26.59 12.90 -26.20
CA ALA B 4 26.02 13.50 -27.41
C ALA B 4 24.67 12.92 -27.82
N ALA B 5 24.01 12.19 -26.92
CA ALA B 5 22.64 11.77 -27.15
C ALA B 5 21.69 12.96 -27.00
N THR B 6 21.84 13.96 -27.86
CA THR B 6 20.96 15.13 -27.80
C THR B 6 20.80 15.82 -29.18
N GLU B 7 20.10 15.14 -30.08
CA GLU B 7 19.82 15.69 -31.40
C GLU B 7 18.46 16.41 -31.40
N THR B 8 17.56 15.90 -32.23
CA THR B 8 16.19 16.36 -32.29
C THR B 8 15.33 15.12 -32.12
N GLU B 9 14.33 15.19 -31.24
CA GLU B 9 13.40 14.07 -31.09
C GLU B 9 12.09 14.41 -31.78
N THR B 10 11.53 13.46 -32.54
CA THR B 10 10.25 13.64 -33.21
C THR B 10 9.19 12.74 -32.54
N PHE B 11 8.03 13.31 -32.26
CA PHE B 11 6.96 12.58 -31.59
C PHE B 11 5.71 12.67 -32.43
N ALA B 12 4.92 11.62 -32.45
CA ALA B 12 3.59 11.69 -33.01
C ALA B 12 2.64 12.22 -31.94
N PHE B 13 1.63 13.00 -32.37
CA PHE B 13 0.56 13.38 -31.47
C PHE B 13 -0.30 12.15 -31.23
N GLN B 14 -0.95 12.10 -30.07
CA GLN B 14 -1.95 11.10 -29.82
C GLN B 14 -3.10 11.28 -30.81
N ALA B 15 -3.67 10.15 -31.22
CA ALA B 15 -4.84 10.12 -32.08
C ALA B 15 -5.84 11.24 -31.77
N GLU B 16 -6.18 11.40 -30.50
CA GLU B 16 -7.25 12.32 -30.12
C GLU B 16 -6.84 13.78 -30.28
N ILE B 17 -5.54 14.04 -30.21
CA ILE B 17 -5.04 15.37 -30.37
C ILE B 17 -4.96 15.74 -31.84
N ASN B 18 -4.58 14.77 -32.69
CA ASN B 18 -4.65 14.99 -34.14
C ASN B 18 -6.09 15.32 -34.50
N GLN B 19 -7.04 14.58 -33.94
CA GLN B 19 -8.44 14.85 -34.23
C GLN B 19 -8.83 16.28 -33.80
N LEU B 20 -8.52 16.62 -32.55
CA LEU B 20 -8.78 17.96 -32.04
C LEU B 20 -8.21 19.03 -32.96
N LEU B 21 -6.95 18.87 -33.30
CA LEU B 21 -6.26 19.78 -34.19
C LEU B 21 -7.01 19.90 -35.52
N SER B 22 -7.42 18.78 -36.10
CA SER B 22 -8.07 18.84 -37.41
C SER B 22 -9.38 19.61 -37.30
N LEU B 23 -10.09 19.39 -36.20
CA LEU B 23 -11.35 20.08 -35.95
C LEU B 23 -11.09 21.58 -35.89
N ILE B 24 -10.02 21.94 -35.18
CA ILE B 24 -9.66 23.33 -34.99
C ILE B 24 -9.21 23.99 -36.30
N ILE B 25 -8.52 23.25 -37.15
CA ILE B 25 -7.94 23.84 -38.35
C ILE B 25 -8.96 23.93 -39.48
N ASN B 26 -9.85 22.95 -39.58
CA ASN B 26 -10.68 22.78 -40.77
C ASN B 26 -12.15 23.19 -40.63
N THR B 27 -12.54 23.78 -39.51
CA THR B 27 -13.91 24.27 -39.43
C THR B 27 -13.92 25.79 -39.22
N PHE B 28 -15.00 26.45 -39.65
CA PHE B 28 -15.04 27.90 -39.56
C PHE B 28 -15.51 28.35 -38.19
N TYR B 29 -14.76 29.29 -37.62
CA TYR B 29 -15.12 29.90 -36.35
C TYR B 29 -15.04 31.40 -36.54
N SER B 30 -16.08 32.12 -36.14
CA SER B 30 -16.09 33.58 -36.26
C SER B 30 -15.40 34.20 -35.05
N ASN B 31 -14.87 33.32 -34.20
CA ASN B 31 -14.54 33.65 -32.84
C ASN B 31 -13.06 33.36 -32.55
N LYS B 32 -12.20 33.56 -33.54
CA LYS B 32 -10.82 33.08 -33.46
C LYS B 32 -9.95 33.84 -32.47
N GLU B 33 -10.37 35.06 -32.16
CA GLU B 33 -9.63 35.95 -31.27
C GLU B 33 -9.43 35.40 -29.84
N ILE B 34 -10.22 34.40 -29.44
CA ILE B 34 -10.08 33.84 -28.11
C ILE B 34 -8.73 33.14 -27.88
N PHE B 35 -7.98 32.88 -28.95
CA PHE B 35 -6.67 32.25 -28.80
C PHE B 35 -5.78 33.07 -27.85
N LEU B 36 -5.83 34.38 -28.00
CA LEU B 36 -5.01 35.26 -27.17
C LEU B 36 -5.33 35.06 -25.69
N ARG B 37 -6.62 35.05 -25.35
CA ARG B 37 -7.04 34.85 -23.96
C ARG B 37 -6.48 33.53 -23.39
N GLU B 38 -6.60 32.47 -24.18
CA GLU B 38 -6.13 31.14 -23.77
C GLU B 38 -4.64 31.10 -23.47
N LEU B 39 -3.84 31.84 -24.23
CA LEU B 39 -2.39 31.86 -24.03
C LEU B 39 -1.97 32.72 -22.86
N ILE B 40 -2.65 33.84 -22.68
CA ILE B 40 -2.43 34.68 -21.51
C ILE B 40 -2.84 33.89 -20.25
N SER B 41 -3.93 33.15 -20.36
CA SER B 41 -4.38 32.32 -19.27
C SER B 41 -3.31 31.27 -18.89
N ASN B 42 -2.69 30.64 -19.90
CA ASN B 42 -1.62 29.67 -19.64
C ASN B 42 -0.40 30.33 -19.00
N SER B 43 -0.05 31.53 -19.44
CA SER B 43 1.08 32.23 -18.84
C SER B 43 0.78 32.54 -17.39
N SER B 44 -0.43 33.04 -17.15
CA SER B 44 -0.87 33.40 -15.79
C SER B 44 -0.81 32.19 -14.86
N ASP B 45 -1.31 31.05 -15.32
CA ASP B 45 -1.21 29.81 -14.54
C ASP B 45 0.25 29.47 -14.26
N ALA B 46 1.11 29.63 -15.27
CA ALA B 46 2.52 29.31 -15.11
C ALA B 46 3.22 30.24 -14.12
N LEU B 47 2.85 31.51 -14.15
CA LEU B 47 3.38 32.50 -13.19
C LEU B 47 2.92 32.19 -11.76
N ASP B 48 1.64 31.82 -11.59
CA ASP B 48 1.13 31.37 -10.30
C ASP B 48 2.00 30.26 -9.71
N LYS B 49 2.33 29.25 -10.52
CA LYS B 49 3.10 28.11 -10.03
C LYS B 49 4.46 28.52 -9.46
N ILE B 50 5.23 29.30 -10.21
CA ILE B 50 6.54 29.72 -9.73
C ILE B 50 6.41 30.68 -8.54
N ARG B 51 5.35 31.50 -8.54
CA ARG B 51 5.06 32.36 -7.40
C ARG B 51 4.83 31.53 -6.14
N PHE B 52 3.96 30.53 -6.26
CA PHE B 52 3.64 29.67 -5.12
C PHE B 52 4.91 28.98 -4.63
N GLU B 53 5.63 28.32 -5.53
CA GLU B 53 6.89 27.71 -5.14
C GLU B 53 7.81 28.70 -4.43
N SER B 54 7.82 29.95 -4.88
CA SER B 54 8.75 30.94 -4.31
C SER B 54 8.44 31.29 -2.84
N LEU B 55 7.19 31.11 -2.43
CA LEU B 55 6.81 31.42 -1.05
C LEU B 55 7.60 30.61 -0.02
N THR B 56 7.94 29.37 -0.36
CA THR B 56 8.68 28.52 0.56
C THR B 56 10.15 28.42 0.19
N ASP B 57 10.56 29.15 -0.84
CA ASP B 57 11.95 29.13 -1.30
C ASP B 57 12.29 30.37 -2.12
N LYS B 58 12.89 31.35 -1.45
CA LYS B 58 13.21 32.62 -2.08
C LYS B 58 14.01 32.49 -3.38
N SER B 59 14.90 31.51 -3.43
CA SER B 59 15.86 31.39 -4.53
C SER B 59 15.22 30.93 -5.85
N LYS B 60 13.96 30.52 -5.79
CA LYS B 60 13.26 30.01 -6.98
C LYS B 60 13.19 31.04 -8.11
N LEU B 61 13.28 32.32 -7.75
CA LEU B 61 13.12 33.42 -8.71
C LEU B 61 14.44 33.94 -9.30
N ASP B 62 15.56 33.43 -8.80
CA ASP B 62 16.88 33.94 -9.17
C ASP B 62 17.11 34.20 -10.67
N ALA B 63 16.83 33.23 -11.53
CA ALA B 63 17.09 33.38 -12.96
C ALA B 63 16.27 34.49 -13.64
N GLN B 64 15.23 34.97 -12.95
CA GLN B 64 14.34 36.02 -13.46
C GLN B 64 13.47 36.53 -12.34
N PRO B 65 13.95 37.53 -11.59
CA PRO B 65 13.25 37.97 -10.38
C PRO B 65 11.85 38.56 -10.63
N GLU B 66 11.58 39.04 -11.84
CA GLU B 66 10.30 39.70 -12.14
C GLU B 66 9.27 38.74 -12.77
N LEU B 67 8.00 38.93 -12.40
CA LEU B 67 6.87 38.16 -12.94
C LEU B 67 6.07 38.95 -13.99
N PHE B 68 6.15 38.54 -15.26
CA PHE B 68 5.56 39.34 -16.33
C PHE B 68 5.07 38.55 -17.53
N ILE B 69 4.33 39.26 -18.39
CA ILE B 69 3.91 38.75 -19.68
C ILE B 69 4.22 39.83 -20.72
N HIS B 70 5.02 39.47 -21.72
CA HIS B 70 5.32 40.36 -22.84
C HIS B 70 4.66 39.87 -24.12
N ILE B 71 4.02 40.77 -24.85
CA ILE B 71 3.47 40.45 -26.16
C ILE B 71 4.23 41.23 -27.22
N ILE B 72 4.69 40.54 -28.26
CA ILE B 72 5.56 41.16 -29.27
C ILE B 72 5.17 40.81 -30.71
N PRO B 73 4.40 41.69 -31.37
CA PRO B 73 4.05 41.50 -32.78
C PRO B 73 5.20 41.93 -33.68
N ASP B 74 5.43 41.21 -34.77
CA ASP B 74 6.47 41.58 -35.73
C ASP B 74 5.93 41.45 -37.15
N LYS B 75 5.68 42.58 -37.79
CA LYS B 75 5.12 42.59 -39.14
C LYS B 75 6.11 42.05 -40.16
N ALA B 76 7.39 42.26 -39.89
CA ALA B 76 8.44 41.77 -40.77
C ALA B 76 8.36 40.25 -40.94
N THR B 77 8.02 39.54 -39.87
CA THR B 77 8.01 38.08 -39.92
C THR B 77 6.60 37.49 -39.90
N SER B 78 5.59 38.34 -39.80
CA SER B 78 4.20 37.87 -39.71
C SER B 78 4.02 36.96 -38.47
N THR B 79 4.56 37.42 -37.35
CA THR B 79 4.76 36.60 -36.19
C THR B 79 4.28 37.33 -34.92
N LEU B 80 3.49 36.64 -34.10
CA LEU B 80 3.03 37.16 -32.81
C LEU B 80 3.65 36.36 -31.67
N THR B 81 4.49 36.96 -30.84
CA THR B 81 5.01 36.15 -29.75
C THR B 81 4.55 36.62 -28.39
N ILE B 82 4.46 35.64 -27.49
CA ILE B 82 4.03 35.87 -26.12
C ILE B 82 5.08 35.24 -25.23
N VAL B 83 5.61 36.04 -24.30
CA VAL B 83 6.65 35.60 -23.39
C VAL B 83 6.20 35.77 -21.95
N ASP B 84 6.47 34.78 -21.10
CA ASP B 84 6.18 34.92 -19.70
C ASP B 84 7.38 34.46 -18.91
N SER B 85 7.45 34.84 -17.63
CA SER B 85 8.52 34.36 -16.76
C SER B 85 7.94 33.36 -15.75
N GLY B 86 6.99 32.57 -16.21
CA GLY B 86 6.36 31.55 -15.40
C GLY B 86 7.30 30.41 -15.07
N ILE B 87 6.75 29.31 -14.56
CA ILE B 87 7.56 28.19 -14.08
C ILE B 87 8.35 27.49 -15.18
N GLY B 88 7.94 27.66 -16.43
CA GLY B 88 8.58 26.96 -17.53
C GLY B 88 8.27 25.47 -17.52
N MET B 89 8.80 24.74 -18.51
CA MET B 89 8.55 23.31 -18.62
C MET B 89 9.87 22.60 -18.86
N THR B 90 10.07 21.47 -18.19
CA THR B 90 11.20 20.61 -18.50
C THR B 90 10.96 19.95 -19.88
N LYS B 91 11.98 19.34 -20.45
CA LYS B 91 11.82 18.56 -21.67
C LYS B 91 10.68 17.55 -21.51
N SER B 92 10.66 16.89 -20.35
CA SER B 92 9.63 15.92 -20.02
C SER B 92 8.24 16.53 -20.04
N ASP B 93 8.12 17.72 -19.45
CA ASP B 93 6.87 18.47 -19.44
C ASP B 93 6.36 18.72 -20.85
N LEU B 94 7.26 19.12 -21.76
CA LEU B 94 6.87 19.38 -23.15
C LEU B 94 6.27 18.15 -23.82
N VAL B 95 6.97 17.03 -23.73
CA VAL B 95 6.54 15.82 -24.38
C VAL B 95 5.22 15.35 -23.76
N ASN B 96 5.17 15.30 -22.43
CA ASN B 96 3.97 14.85 -21.72
C ASN B 96 2.75 15.77 -21.90
N ASN B 97 2.96 17.09 -21.76
CA ASN B 97 1.84 18.02 -21.73
C ASN B 97 1.42 18.58 -23.11
N LEU B 98 2.33 18.63 -24.06
CA LEU B 98 2.01 19.21 -25.38
C LEU B 98 2.06 18.18 -26.52
N GLY B 99 1.37 17.06 -26.37
CA GLY B 99 1.10 16.24 -27.54
C GLY B 99 0.99 14.76 -27.36
N THR B 100 1.72 14.25 -26.40
CA THR B 100 1.97 12.82 -26.30
C THR B 100 1.00 12.10 -25.34
N ILE B 101 0.27 12.88 -24.52
CA ILE B 101 -0.76 12.31 -23.66
C ILE B 101 -2.10 12.99 -23.90
N ALA B 102 -3.11 12.21 -24.29
CA ALA B 102 -4.45 12.77 -24.44
C ALA B 102 -5.13 12.79 -23.07
N ARG B 103 -5.23 13.96 -22.45
CA ARG B 103 -5.93 14.04 -21.17
C ARG B 103 -7.45 14.01 -21.40
N SER B 104 -8.19 13.73 -20.33
CA SER B 104 -9.61 13.37 -20.42
C SER B 104 -10.55 14.40 -21.07
N GLY B 105 -10.23 15.68 -20.89
CA GLY B 105 -11.01 16.73 -21.50
C GLY B 105 -11.05 16.70 -23.03
N THR B 106 -10.02 16.13 -23.65
CA THR B 106 -9.89 16.20 -25.11
C THR B 106 -11.08 15.61 -25.85
N LYS B 107 -11.39 14.34 -25.57
CA LYS B 107 -12.51 13.67 -26.20
C LYS B 107 -13.84 14.26 -25.75
N GLU B 108 -13.88 14.81 -24.56
CA GLU B 108 -15.08 15.47 -24.05
C GLU B 108 -15.35 16.78 -24.75
N PHE B 109 -14.29 17.49 -25.07
CA PHE B 109 -14.45 18.78 -25.73
C PHE B 109 -14.88 18.63 -27.17
N MET B 110 -14.38 17.61 -27.83
CA MET B 110 -14.77 17.37 -29.22
C MET B 110 -16.24 17.00 -29.30
N GLU B 111 -16.68 16.18 -28.35
CA GLU B 111 -18.09 15.83 -28.27
C GLU B 111 -18.95 17.06 -27.93
N ALA B 112 -18.57 17.79 -26.89
CA ALA B 112 -19.24 19.06 -26.58
C ALA B 112 -19.37 19.94 -27.84
N LEU B 113 -18.31 20.03 -28.64
CA LEU B 113 -18.35 20.78 -29.89
C LEU B 113 -19.35 20.21 -30.89
N ALA B 114 -19.39 18.88 -30.97
CA ALA B 114 -20.28 18.19 -31.90
C ALA B 114 -21.75 18.42 -31.56
N ALA B 115 -22.04 18.60 -30.28
CA ALA B 115 -23.42 18.80 -29.81
C ALA B 115 -23.83 20.27 -29.72
N GLY B 116 -22.98 21.18 -30.21
CA GLY B 116 -23.36 22.58 -30.28
C GLY B 116 -22.50 23.60 -29.54
N ALA B 117 -21.70 23.15 -28.58
CA ALA B 117 -20.93 24.08 -27.74
C ALA B 117 -19.97 24.95 -28.57
N ASP B 118 -19.57 26.06 -27.98
CA ASP B 118 -18.72 27.05 -28.65
C ASP B 118 -17.24 26.82 -28.38
N VAL B 119 -16.42 27.16 -29.37
CA VAL B 119 -14.98 26.96 -29.27
C VAL B 119 -14.34 27.77 -28.14
N SER B 120 -15.04 28.79 -27.63
CA SER B 120 -14.59 29.50 -26.43
C SER B 120 -14.46 28.61 -25.19
N MET B 121 -15.21 27.50 -25.17
CA MET B 121 -15.17 26.57 -24.05
C MET B 121 -13.81 25.86 -23.92
N ILE B 122 -12.97 25.97 -24.95
CA ILE B 122 -11.79 25.12 -25.06
C ILE B 122 -10.90 25.09 -23.81
N GLY B 123 -10.70 26.25 -23.19
CA GLY B 123 -9.91 26.36 -21.97
C GLY B 123 -10.39 25.50 -20.80
N GLN B 124 -11.70 25.39 -20.64
CA GLN B 124 -12.28 24.61 -19.53
C GLN B 124 -12.02 23.11 -19.67
N PHE B 125 -11.70 22.66 -20.88
CA PHE B 125 -11.53 21.23 -21.16
C PHE B 125 -10.05 20.81 -21.14
N GLY B 126 -9.18 21.71 -20.71
CA GLY B 126 -7.78 21.38 -20.53
C GLY B 126 -6.99 21.20 -21.82
N VAL B 127 -7.42 21.88 -22.88
CA VAL B 127 -6.73 21.82 -24.18
C VAL B 127 -6.59 23.21 -24.83
N GLY B 128 -6.63 24.24 -23.98
CA GLY B 128 -6.57 25.63 -24.44
C GLY B 128 -5.40 25.97 -25.36
N PHE B 129 -4.25 25.37 -25.10
CA PHE B 129 -3.05 25.64 -25.88
C PHE B 129 -3.23 25.47 -27.39
N TYR B 130 -4.01 24.46 -27.79
CA TYR B 130 -4.14 24.14 -29.20
C TYR B 130 -4.95 25.19 -29.98
N SER B 131 -5.58 26.11 -29.25
CA SER B 131 -6.35 27.18 -29.86
C SER B 131 -5.45 28.11 -30.67
N ALA B 132 -4.15 28.03 -30.43
CA ALA B 132 -3.22 28.83 -31.19
C ALA B 132 -3.35 28.53 -32.69
N TYR B 133 -3.77 27.31 -33.00
CA TYR B 133 -3.85 26.89 -34.39
C TYR B 133 -5.10 27.45 -35.07
N LEU B 134 -5.92 28.16 -34.30
CA LEU B 134 -7.02 28.92 -34.87
C LEU B 134 -6.45 29.98 -35.80
N VAL B 135 -5.32 30.56 -35.43
CA VAL B 135 -4.75 31.68 -36.17
C VAL B 135 -3.33 31.42 -36.68
N ALA B 136 -2.68 30.39 -36.16
CA ALA B 136 -1.32 30.09 -36.60
C ALA B 136 -1.25 28.79 -37.39
N GLU B 137 -0.32 28.73 -38.33
CA GLU B 137 -0.09 27.51 -39.11
C GLU B 137 1.15 26.81 -38.58
N ARG B 138 1.92 27.53 -37.78
CA ARG B 138 3.11 26.99 -37.15
C ARG B 138 3.35 27.65 -35.80
N VAL B 139 3.73 26.85 -34.81
CA VAL B 139 3.97 27.37 -33.47
C VAL B 139 5.31 26.82 -32.95
N VAL B 140 6.14 27.71 -32.44
CA VAL B 140 7.34 27.23 -31.78
C VAL B 140 7.42 27.77 -30.35
N VAL B 141 7.66 26.86 -29.42
CA VAL B 141 7.68 27.16 -28.00
C VAL B 141 9.08 26.95 -27.48
N THR B 142 9.69 27.99 -26.93
CA THR B 142 10.92 27.75 -26.18
C THR B 142 10.66 27.97 -24.70
N THR B 143 11.25 27.13 -23.88
CA THR B 143 10.89 27.13 -22.49
C THR B 143 12.10 26.79 -21.63
N LYS B 144 12.12 27.33 -20.42
CA LYS B 144 13.21 27.09 -19.50
C LYS B 144 12.64 26.97 -18.10
N HIS B 145 12.85 25.78 -17.52
CA HIS B 145 12.45 25.46 -16.15
C HIS B 145 13.70 25.43 -15.29
N ASN B 146 13.58 25.78 -14.02
CA ASN B 146 14.73 25.74 -13.12
C ASN B 146 15.52 24.44 -13.13
N ASP B 147 14.84 23.31 -13.30
CA ASP B 147 15.48 21.99 -13.17
C ASP B 147 16.16 21.49 -14.44
N ASP B 148 15.90 22.15 -15.56
CA ASP B 148 16.33 21.60 -16.85
C ASP B 148 16.98 22.67 -17.68
N GLU B 149 17.42 22.31 -18.88
CA GLU B 149 18.00 23.29 -19.79
C GLU B 149 16.91 23.80 -20.73
N GLN B 150 17.27 24.75 -21.57
CA GLN B 150 16.29 25.33 -22.49
C GLN B 150 15.99 24.41 -23.68
N TYR B 151 14.70 24.18 -23.90
CA TYR B 151 14.25 23.38 -25.04
C TYR B 151 13.28 24.12 -25.94
N VAL B 152 13.19 23.65 -27.18
CA VAL B 152 12.27 24.19 -28.16
C VAL B 152 11.38 23.07 -28.70
N TRP B 153 10.07 23.31 -28.62
CA TRP B 153 9.05 22.44 -29.17
C TRP B 153 8.54 23.12 -30.41
N GLU B 154 8.24 22.35 -31.46
CA GLU B 154 7.76 22.94 -32.69
C GLU B 154 6.80 22.02 -33.43
N SER B 155 5.76 22.60 -34.01
CA SER B 155 4.83 21.83 -34.82
C SER B 155 4.03 22.68 -35.81
N GLN B 156 3.66 22.05 -36.92
CA GLN B 156 2.77 22.65 -37.90
C GLN B 156 1.48 21.86 -37.93
N ALA B 157 1.26 21.06 -36.88
CA ALA B 157 0.04 20.30 -36.74
C ALA B 157 -0.22 19.35 -37.91
N GLY B 158 0.83 18.67 -38.38
CA GLY B 158 0.66 17.66 -39.41
C GLY B 158 0.83 16.24 -38.88
N GLY B 159 0.47 16.02 -37.62
CA GLY B 159 0.59 14.71 -37.00
C GLY B 159 1.79 14.52 -36.08
N SER B 160 2.72 15.46 -36.07
CA SER B 160 3.88 15.30 -35.20
C SER B 160 4.49 16.64 -34.70
N PHE B 161 5.33 16.55 -33.69
CA PHE B 161 6.07 17.71 -33.21
C PHE B 161 7.50 17.29 -32.89
N THR B 162 8.41 18.25 -32.83
CA THR B 162 9.77 17.95 -32.40
C THR B 162 10.15 18.69 -31.12
N VAL B 163 11.14 18.16 -30.43
CA VAL B 163 11.69 18.78 -29.24
C VAL B 163 13.20 18.78 -29.36
N THR B 164 13.80 19.95 -29.19
CA THR B 164 15.21 20.12 -29.49
C THR B 164 15.88 20.91 -28.38
N ARG B 165 16.99 20.41 -27.86
CA ARG B 165 17.74 21.21 -26.90
C ARG B 165 18.15 22.53 -27.56
N ASP B 166 17.97 23.64 -26.85
CA ASP B 166 18.23 24.95 -27.43
C ASP B 166 19.46 25.64 -26.82
N THR B 167 20.64 25.13 -27.17
CA THR B 167 21.88 25.85 -26.91
C THR B 167 22.20 26.62 -28.16
N SER B 168 21.93 27.93 -28.15
CA SER B 168 21.93 28.76 -29.34
C SER B 168 20.72 29.66 -29.23
N GLY B 169 20.85 30.92 -29.63
CA GLY B 169 19.72 31.82 -29.52
C GLY B 169 19.38 32.19 -28.08
N GLU B 170 18.48 33.14 -27.95
CA GLU B 170 18.26 33.90 -26.71
C GLU B 170 17.84 33.05 -25.51
N GLN B 171 18.64 33.12 -24.45
CA GLN B 171 18.35 32.38 -23.22
C GLN B 171 17.34 33.09 -22.33
N LEU B 172 16.17 32.46 -22.21
CA LEU B 172 15.04 32.98 -21.42
C LEU B 172 15.36 33.24 -19.95
N GLY B 173 16.22 32.42 -19.35
CA GLY B 173 16.46 32.50 -17.92
C GLY B 173 15.47 31.67 -17.10
N ARG B 174 14.20 32.00 -17.22
CA ARG B 174 13.11 31.15 -16.73
C ARG B 174 11.84 31.55 -17.46
N GLY B 175 11.12 30.59 -18.01
CA GLY B 175 9.82 30.90 -18.56
C GLY B 175 9.52 30.25 -19.88
N THR B 176 8.55 30.81 -20.57
CA THR B 176 8.11 30.21 -21.81
C THR B 176 7.86 31.29 -22.84
N LYS B 177 8.34 31.06 -24.04
CA LYS B 177 8.08 31.93 -25.16
C LYS B 177 7.37 31.14 -26.25
N MET B 178 6.23 31.65 -26.72
CA MET B 178 5.52 31.05 -27.83
C MET B 178 5.49 31.99 -29.02
N VAL B 179 5.97 31.52 -30.17
CA VAL B 179 5.94 32.30 -31.40
C VAL B 179 4.88 31.70 -32.32
N LEU B 180 3.86 32.51 -32.65
CA LEU B 180 2.84 32.08 -33.61
C LEU B 180 3.08 32.66 -35.01
N TYR B 181 3.18 31.76 -35.98
CA TYR B 181 3.31 32.14 -37.37
C TYR B 181 1.93 32.27 -37.99
N LEU B 182 1.43 33.51 -38.05
CA LEU B 182 0.04 33.73 -38.43
C LEU B 182 -0.27 33.29 -39.86
N LYS B 183 -1.47 32.73 -40.05
CA LYS B 183 -1.99 32.45 -41.37
C LYS B 183 -2.29 33.74 -42.14
N ASP B 184 -2.36 33.64 -43.47
CA ASP B 184 -2.48 34.79 -44.36
C ASP B 184 -3.62 35.75 -44.02
N ASP B 185 -4.79 35.20 -43.70
CA ASP B 185 -5.94 36.03 -43.39
C ASP B 185 -6.09 36.36 -41.90
N GLN B 186 -5.00 36.33 -41.14
CA GLN B 186 -5.09 36.56 -39.70
C GLN B 186 -4.13 37.63 -39.23
N MET B 187 -3.69 38.48 -40.16
CA MET B 187 -2.68 39.50 -39.86
C MET B 187 -3.20 40.64 -38.99
N GLU B 188 -4.50 40.71 -38.77
CA GLU B 188 -5.04 41.73 -37.89
C GLU B 188 -4.39 41.65 -36.49
N TYR B 189 -3.94 40.45 -36.09
CA TYR B 189 -3.41 40.26 -34.73
C TYR B 189 -2.01 40.80 -34.52
N LEU B 190 -1.48 41.48 -35.53
CA LEU B 190 -0.19 42.14 -35.40
C LEU B 190 -0.35 43.64 -35.11
N GLU B 191 -1.57 44.13 -35.20
CA GLU B 191 -1.85 45.54 -35.00
C GLU B 191 -1.97 45.85 -33.51
N GLU B 192 -1.30 46.93 -33.11
CA GLU B 192 -1.22 47.40 -31.73
C GLU B 192 -2.59 47.53 -31.06
N ARG B 193 -3.52 48.16 -31.76
CA ARG B 193 -4.82 48.49 -31.20
C ARG B 193 -5.69 47.25 -31.06
N ARG B 194 -5.59 46.35 -32.05
CA ARG B 194 -6.29 45.07 -31.99
C ARG B 194 -5.87 44.29 -30.75
N ILE B 195 -4.57 44.25 -30.47
CA ILE B 195 -4.08 43.51 -29.32
C ILE B 195 -4.57 44.14 -28.02
N LYS B 196 -4.45 45.47 -27.97
CA LYS B 196 -4.85 46.23 -26.79
C LYS B 196 -6.31 46.00 -26.45
N ASP B 197 -7.17 46.22 -27.43
CA ASP B 197 -8.59 45.96 -27.22
C ASP B 197 -8.82 44.52 -26.75
N LEU B 198 -8.12 43.57 -27.36
CA LEU B 198 -8.37 42.15 -27.09
C LEU B 198 -7.95 41.83 -25.65
N VAL B 199 -6.79 42.35 -25.25
CA VAL B 199 -6.37 42.22 -23.87
C VAL B 199 -7.39 42.85 -22.91
N LYS B 200 -7.88 44.05 -23.24
CA LYS B 200 -8.86 44.71 -22.37
C LYS B 200 -10.15 43.89 -22.37
N LYS B 201 -10.49 43.29 -23.48
CA LYS B 201 -11.71 42.53 -23.62
C LYS B 201 -11.77 41.25 -22.80
N HIS B 202 -10.72 40.46 -22.86
CA HIS B 202 -10.76 39.11 -22.30
C HIS B 202 -9.79 38.90 -21.15
N SER B 203 -8.83 39.81 -20.98
CA SER B 203 -7.72 39.61 -20.06
C SER B 203 -7.43 40.86 -19.25
N GLU B 204 -8.48 41.64 -19.02
CA GLU B 204 -8.37 42.92 -18.35
C GLU B 204 -7.88 42.81 -16.93
N PHE B 205 -8.26 41.74 -16.25
CA PHE B 205 -7.96 41.67 -14.82
C PHE B 205 -6.95 40.59 -14.42
N ILE B 206 -5.85 40.48 -15.15
CA ILE B 206 -4.86 39.50 -14.74
C ILE B 206 -3.86 40.11 -13.75
N SER B 207 -3.25 39.26 -12.93
CA SER B 207 -2.55 39.72 -11.74
C SER B 207 -1.08 40.02 -11.98
N TYR B 208 -0.67 39.95 -13.24
CA TYR B 208 0.72 40.19 -13.62
C TYR B 208 0.76 41.23 -14.73
N PRO B 209 1.79 42.09 -14.73
CA PRO B 209 1.90 43.17 -15.72
C PRO B 209 2.03 42.62 -17.14
N ILE B 210 1.09 42.96 -18.01
CA ILE B 210 1.21 42.61 -19.41
C ILE B 210 1.70 43.85 -20.18
N SER B 211 2.86 43.74 -20.83
CA SER B 211 3.30 44.85 -21.66
C SER B 211 3.45 44.48 -23.13
N LEU B 212 3.20 45.47 -23.99
CA LEU B 212 3.16 45.28 -25.43
C LEU B 212 4.37 45.94 -26.10
N TRP B 213 4.98 45.26 -27.05
CA TRP B 213 6.11 45.83 -27.79
C TRP B 213 5.65 46.65 -28.99
N ALA C 1 14.61 10.44 -2.80
CA ALA C 1 13.97 11.68 -2.38
C ALA C 1 14.95 12.84 -2.54
N LYS C 2 16.23 12.53 -2.54
CA LYS C 2 17.26 13.55 -2.73
C LYS C 2 17.13 14.25 -4.09
N TYR C 3 16.85 13.47 -5.14
CA TYR C 3 16.56 14.02 -6.45
C TYR C 3 15.20 13.53 -6.89
N ARG C 4 14.49 14.33 -7.67
CA ARG C 4 13.23 13.87 -8.22
C ARG C 4 13.45 13.28 -9.61
N HIS C 5 12.48 12.55 -10.12
CA HIS C 5 12.60 11.99 -11.45
C HIS C 5 11.28 12.11 -12.21
N GLU C 6 11.35 12.10 -13.54
CA GLU C 6 10.17 12.18 -14.39
C GLU C 6 10.40 11.16 -15.49
N TYR C 7 9.34 10.81 -16.23
CA TYR C 7 9.51 10.05 -17.47
C TYR C 7 8.55 10.52 -18.56
N TYR C 8 8.93 10.31 -19.82
CA TYR C 8 7.98 10.33 -20.93
C TYR C 8 8.23 9.07 -21.75
N GLN C 9 7.37 8.80 -22.75
CA GLN C 9 7.56 7.61 -23.57
C GLN C 9 7.19 7.79 -25.04
N LYS C 10 7.69 6.87 -25.85
CA LYS C 10 7.39 6.78 -27.26
C LYS C 10 6.96 5.34 -27.51
N PRO C 11 6.48 5.03 -28.72
CA PRO C 11 6.00 3.66 -28.92
C PRO C 11 7.03 2.59 -28.49
N GLU C 12 8.32 2.90 -28.65
CA GLU C 12 9.35 1.88 -28.48
C GLU C 12 10.36 2.18 -27.35
N GLU C 13 10.13 3.25 -26.61
CA GLU C 13 11.07 3.57 -25.53
C GLU C 13 10.48 4.45 -24.43
N VAL C 14 11.02 4.28 -23.23
CA VAL C 14 10.65 5.09 -22.09
C VAL C 14 11.88 5.88 -21.71
N VAL C 15 11.72 7.19 -21.64
CA VAL C 15 12.83 8.07 -21.24
C VAL C 15 12.64 8.54 -19.80
N VAL C 16 13.54 8.12 -18.92
CA VAL C 16 13.54 8.56 -17.54
C VAL C 16 14.54 9.69 -17.32
N THR C 17 14.11 10.75 -16.64
CA THR C 17 15.01 11.83 -16.26
C THR C 17 15.15 11.92 -14.74
N VAL C 18 16.39 11.89 -14.27
CA VAL C 18 16.69 12.15 -12.86
C VAL C 18 17.30 13.54 -12.74
N PHE C 19 16.65 14.45 -12.02
CA PHE C 19 17.10 15.85 -11.90
C PHE C 19 18.11 16.07 -10.78
N ALA C 20 19.37 15.74 -11.10
CA ALA C 20 20.48 15.79 -10.18
C ALA C 20 21.54 16.67 -10.82
N LYS C 21 21.84 17.79 -10.19
CA LYS C 21 22.56 18.88 -10.86
C LYS C 21 24.01 18.64 -11.28
N GLY C 22 24.97 18.79 -10.39
CA GLY C 22 26.36 18.81 -10.86
C GLY C 22 27.13 17.52 -10.64
N ILE C 23 26.56 16.40 -11.07
CA ILE C 23 27.14 15.09 -10.76
C ILE C 23 28.17 14.60 -11.79
N PRO C 24 29.40 14.33 -11.32
CA PRO C 24 30.48 13.78 -12.15
C PRO C 24 30.08 12.39 -12.62
N LYS C 25 30.39 12.06 -13.87
CA LYS C 25 29.92 10.82 -14.47
C LYS C 25 30.36 9.56 -13.71
N GLN C 26 31.57 9.58 -13.16
CA GLN C 26 32.09 8.43 -12.43
C GLN C 26 31.28 8.11 -11.17
N ASN C 27 30.51 9.08 -10.68
CA ASN C 27 29.69 8.84 -9.49
C ASN C 27 28.32 8.24 -9.83
N VAL C 28 28.09 8.01 -11.12
CA VAL C 28 26.81 7.48 -11.57
C VAL C 28 26.93 6.02 -11.99
N ASN C 29 26.27 5.14 -11.25
CA ASN C 29 26.24 3.74 -11.60
C ASN C 29 24.84 3.30 -11.96
N ILE C 30 24.64 2.95 -13.22
CA ILE C 30 23.31 2.60 -13.73
C ILE C 30 23.36 1.25 -14.40
N ASP C 31 22.35 0.42 -14.12
CA ASP C 31 22.31 -0.91 -14.70
C ASP C 31 20.90 -1.28 -15.06
N PHE C 32 20.76 -2.21 -16.00
CA PHE C 32 19.44 -2.57 -16.51
C PHE C 32 19.22 -4.08 -16.43
N GLY C 33 18.02 -4.47 -16.00
CA GLY C 33 17.63 -5.87 -15.96
C GLY C 33 16.48 -6.11 -16.90
N GLU C 34 15.97 -7.34 -16.90
CA GLU C 34 14.84 -7.68 -17.75
C GLU C 34 13.64 -6.78 -17.53
N GLN C 35 13.40 -6.44 -16.26
CA GLN C 35 12.23 -5.67 -15.88
C GLN C 35 12.54 -4.81 -14.66
N ILE C 36 13.77 -4.30 -14.62
CA ILE C 36 14.20 -3.44 -13.50
C ILE C 36 15.22 -2.41 -13.96
N LEU C 37 15.16 -1.23 -13.33
CA LEU C 37 16.14 -0.17 -13.54
C LEU C 37 16.88 0.03 -12.24
N SER C 38 18.20 0.20 -12.33
CA SER C 38 19.03 0.47 -11.17
C SER C 38 19.82 1.75 -11.37
N VAL C 39 19.61 2.72 -10.48
CA VAL C 39 20.32 3.98 -10.53
C VAL C 39 20.89 4.25 -9.16
N VAL C 40 22.22 4.32 -9.06
CA VAL C 40 22.87 4.63 -7.80
C VAL C 40 23.84 5.79 -7.98
N ILE C 41 23.64 6.85 -7.20
CA ILE C 41 24.48 8.05 -7.33
C ILE C 41 25.17 8.35 -6.02
N GLU C 42 26.51 8.36 -6.04
CA GLU C 42 27.29 8.62 -4.82
C GLU C 42 27.45 10.10 -4.54
N VAL C 43 27.25 10.48 -3.28
CA VAL C 43 27.46 11.86 -2.87
C VAL C 43 28.45 11.87 -1.71
N PRO C 44 29.72 12.22 -2.01
CA PRO C 44 30.83 12.15 -1.05
C PRO C 44 30.42 12.57 0.37
N GLY C 45 29.76 13.72 0.50
CA GLY C 45 29.37 14.21 1.81
C GLY C 45 28.25 13.44 2.50
N GLU C 46 27.45 12.70 1.75
CA GLU C 46 26.23 12.11 2.30
C GLU C 46 25.96 10.67 1.86
N ASP C 47 24.75 10.20 2.19
CA ASP C 47 24.27 8.89 1.76
C ASP C 47 24.01 8.85 0.26
N ALA C 48 24.15 7.66 -0.33
CA ALA C 48 23.99 7.51 -1.77
C ALA C 48 22.51 7.46 -2.17
N TYR C 49 22.16 8.20 -3.22
CA TYR C 49 20.81 8.17 -3.80
C TYR C 49 20.66 6.90 -4.63
N TYR C 50 19.51 6.26 -4.52
CA TYR C 50 19.20 5.13 -5.38
C TYR C 50 17.75 5.12 -5.86
N LEU C 51 17.57 4.73 -7.12
CA LEU C 51 16.25 4.60 -7.73
C LEU C 51 16.30 3.26 -8.45
N GLN C 52 15.55 2.29 -7.95
CA GLN C 52 15.65 0.92 -8.45
C GLN C 52 14.28 0.26 -8.62
N PRO C 53 13.39 0.89 -9.40
CA PRO C 53 12.05 0.32 -9.54
C PRO C 53 12.02 -0.94 -10.40
N ARG C 54 11.18 -1.90 -10.01
CA ARG C 54 10.68 -2.88 -10.96
C ARG C 54 9.83 -2.11 -11.98
N LEU C 55 9.95 -2.47 -13.25
CA LEU C 55 9.31 -1.64 -14.29
C LEU C 55 7.94 -2.16 -14.71
N PHE C 56 7.11 -1.25 -15.20
CA PHE C 56 5.79 -1.61 -15.70
C PHE C 56 5.89 -2.62 -16.84
N GLY C 57 6.85 -2.42 -17.73
CA GLY C 57 7.03 -3.32 -18.86
C GLY C 57 8.42 -3.92 -18.89
N LYS C 58 8.61 -4.95 -19.72
CA LYS C 58 9.94 -5.51 -19.93
C LYS C 58 10.74 -4.65 -20.89
N ILE C 59 12.05 -4.67 -20.69
CA ILE C 59 12.96 -3.86 -21.47
C ILE C 59 14.06 -4.73 -22.06
N ILE C 60 14.86 -4.14 -22.94
CA ILE C 60 16.00 -4.83 -23.57
C ILE C 60 17.30 -4.21 -23.11
N PRO C 61 17.90 -4.78 -22.05
CA PRO C 61 19.07 -4.20 -21.38
C PRO C 61 20.17 -3.80 -22.35
N ASP C 62 20.47 -4.67 -23.33
CA ASP C 62 21.55 -4.40 -24.28
C ASP C 62 21.33 -3.13 -25.12
N LYS C 63 20.08 -2.69 -25.24
CA LYS C 63 19.76 -1.53 -26.06
C LYS C 63 19.46 -0.27 -25.24
N CYS C 64 19.46 -0.39 -23.92
CA CYS C 64 19.26 0.74 -23.04
C CYS C 64 20.52 1.59 -22.99
N LYS C 65 20.36 2.89 -22.76
CA LYS C 65 21.50 3.77 -22.56
C LYS C 65 21.19 4.92 -21.62
N TYR C 66 22.22 5.69 -21.27
CA TYR C 66 22.02 6.91 -20.51
C TYR C 66 23.10 7.92 -20.83
N GLU C 67 22.85 9.19 -20.48
CA GLU C 67 23.85 10.24 -20.58
C GLU C 67 23.82 11.12 -19.33
N VAL C 68 24.98 11.39 -18.77
CA VAL C 68 25.08 12.26 -17.61
C VAL C 68 25.34 13.68 -18.09
N LEU C 69 24.36 14.57 -17.91
CA LEU C 69 24.48 15.92 -18.42
C LEU C 69 24.77 16.86 -17.28
N SER C 70 24.99 18.13 -17.63
CA SER C 70 25.38 19.14 -16.65
C SER C 70 24.29 19.33 -15.60
N THR C 71 23.04 19.13 -16.02
CA THR C 71 21.89 19.52 -15.23
C THR C 71 21.04 18.32 -14.76
N LYS C 72 21.21 17.18 -15.41
CA LYS C 72 20.35 16.02 -15.18
C LYS C 72 20.99 14.72 -15.70
N ILE C 73 20.33 13.59 -15.45
CA ILE C 73 20.70 12.33 -16.09
C ILE C 73 19.50 11.80 -16.89
N GLU C 74 19.72 11.57 -18.18
CA GLU C 74 18.68 11.04 -19.04
C GLU C 74 18.92 9.56 -19.34
N ILE C 75 17.90 8.73 -19.12
CA ILE C 75 18.04 7.30 -19.32
C ILE C 75 16.99 6.85 -20.32
N CYS C 76 17.42 6.11 -21.35
CA CYS C 76 16.53 5.61 -22.39
C CYS C 76 16.37 4.10 -22.26
N LEU C 77 15.15 3.68 -21.95
CA LEU C 77 14.84 2.26 -21.82
C LEU C 77 14.20 1.75 -23.10
N ALA C 78 14.80 0.73 -23.70
CA ALA C 78 14.22 0.12 -24.89
C ALA C 78 13.13 -0.87 -24.50
N LYS C 79 11.89 -0.56 -24.87
CA LYS C 79 10.77 -1.46 -24.56
C LYS C 79 10.94 -2.82 -25.26
N ALA C 80 10.62 -3.90 -24.56
CA ALA C 80 10.65 -5.23 -25.16
C ALA C 80 9.41 -5.45 -26.02
N ASP C 81 8.34 -4.72 -25.70
CA ASP C 81 7.07 -4.86 -26.39
C ASP C 81 6.50 -3.48 -26.74
N ILE C 82 5.80 -3.40 -27.86
CA ILE C 82 5.22 -2.15 -28.30
C ILE C 82 3.88 -1.88 -27.63
N ILE C 83 3.94 -1.30 -26.43
CA ILE C 83 2.75 -0.94 -25.68
C ILE C 83 3.01 0.31 -24.84
N THR C 84 1.93 1.04 -24.56
CA THR C 84 1.98 2.20 -23.70
C THR C 84 1.98 1.75 -22.24
N TRP C 85 3.00 2.14 -21.49
CA TRP C 85 3.06 1.86 -20.08
C TRP C 85 2.15 2.84 -19.36
N ALA C 86 1.34 2.35 -18.44
CA ALA C 86 0.45 3.21 -17.66
C ALA C 86 1.21 3.89 -16.52
N SER C 87 2.42 3.40 -16.24
CA SER C 87 3.31 4.06 -15.28
C SER C 87 4.75 3.56 -15.48
N LEU C 88 5.69 4.12 -14.73
CA LEU C 88 7.08 3.68 -14.82
C LEU C 88 7.28 2.38 -14.06
N GLU C 89 6.81 2.39 -12.82
CA GLU C 89 7.02 1.29 -11.89
C GLU C 89 5.90 0.26 -11.95
N HIS C 90 6.24 -1.00 -11.82
CA HIS C 90 5.30 -2.06 -11.77
C HIS C 90 4.32 -1.93 -10.60
N GLY C 91 3.06 -2.18 -10.86
CA GLY C 91 2.05 -2.10 -9.85
C GLY C 91 1.72 -0.73 -9.34
N LYS C 92 1.70 0.28 -10.19
CA LYS C 92 1.44 1.64 -9.78
C LYS C 92 0.61 2.49 -10.75
N ALA D 1 10.27 -7.99 12.66
CA ALA D 1 10.53 -9.17 11.85
C ALA D 1 11.37 -10.13 12.68
N LYS D 2 12.11 -9.58 13.62
CA LYS D 2 12.88 -10.38 14.56
C LYS D 2 11.96 -11.22 15.45
N TYR D 3 10.96 -10.59 16.05
CA TYR D 3 9.96 -11.30 16.82
C TYR D 3 8.57 -11.06 16.22
N ARG D 4 7.72 -12.07 16.24
CA ARG D 4 6.35 -11.88 15.78
C ARG D 4 5.49 -11.40 16.96
N HIS D 5 4.31 -10.87 16.66
CA HIS D 5 3.41 -10.41 17.72
C HIS D 5 1.98 -10.81 17.37
N GLU D 6 1.12 -10.83 18.38
CA GLU D 6 -0.29 -11.21 18.27
C GLU D 6 -1.03 -10.26 19.18
N TYR D 7 -2.35 -10.13 19.01
CA TYR D 7 -3.18 -9.42 19.98
C TYR D 7 -4.53 -10.11 20.13
N TYR D 8 -5.14 -9.94 21.30
CA TYR D 8 -6.57 -10.19 21.48
C TYR D 8 -7.17 -8.98 22.18
N GLN D 9 -8.50 -8.94 22.35
CA GLN D 9 -9.11 -7.80 23.02
C GLN D 9 -10.31 -8.15 23.86
N LYS D 10 -10.61 -7.24 24.78
CA LYS D 10 -11.81 -7.26 25.60
C LYS D 10 -12.53 -5.94 25.33
N PRO D 11 -13.73 -5.76 25.90
CA PRO D 11 -14.46 -4.53 25.58
C PRO D 11 -13.67 -3.25 25.89
N GLU D 12 -12.81 -3.30 26.91
CA GLU D 12 -12.12 -2.14 27.42
C GLU D 12 -10.58 -2.20 27.30
N GLU D 13 -10.05 -3.18 26.58
CA GLU D 13 -8.60 -3.29 26.52
C GLU D 13 -8.09 -4.16 25.39
N VAL D 14 -6.92 -3.81 24.87
CA VAL D 14 -6.27 -4.60 23.83
C VAL D 14 -5.00 -5.18 24.40
N VAL D 15 -4.82 -6.49 24.26
CA VAL D 15 -3.64 -7.14 24.78
C VAL D 15 -2.72 -7.55 23.63
N VAL D 16 -1.54 -6.95 23.59
CA VAL D 16 -0.55 -7.28 22.57
C VAL D 16 0.53 -8.18 23.15
N THR D 17 0.87 -9.26 22.45
CA THR D 17 1.96 -10.13 22.87
C THR D 17 3.12 -10.16 21.86
N VAL D 18 4.31 -9.83 22.33
CA VAL D 18 5.53 -9.97 21.52
C VAL D 18 6.28 -11.23 21.97
N PHE D 19 6.43 -12.20 21.05
CA PHE D 19 7.06 -13.48 21.39
C PHE D 19 8.59 -13.44 21.26
N ALA D 20 9.22 -13.06 22.35
CA ALA D 20 10.66 -12.89 22.43
C ALA D 20 11.11 -13.56 23.74
N LYS D 21 11.95 -14.58 23.62
CA LYS D 21 12.20 -15.49 24.75
C LYS D 21 13.15 -15.05 25.88
N GLY D 22 14.41 -14.81 25.59
CA GLY D 22 15.34 -14.67 26.71
C GLY D 22 15.68 -13.26 27.12
N ILE D 23 14.69 -12.36 27.10
CA ILE D 23 14.97 -10.93 27.16
C ILE D 23 14.97 -10.30 28.57
N PRO D 24 16.13 -9.74 28.96
CA PRO D 24 16.32 -9.01 30.22
C PRO D 24 15.40 -7.82 30.29
N LYS D 25 14.68 -7.68 31.40
CA LYS D 25 13.76 -6.57 31.61
C LYS D 25 14.34 -5.21 31.19
N GLN D 26 15.59 -4.94 31.52
CA GLN D 26 16.18 -3.64 31.22
C GLN D 26 16.37 -3.39 29.72
N ASN D 27 16.38 -4.43 28.90
CA ASN D 27 16.54 -4.25 27.46
C ASN D 27 15.21 -3.91 26.76
N VAL D 28 14.16 -3.79 27.56
CA VAL D 28 12.82 -3.53 27.05
C VAL D 28 12.40 -2.11 27.35
N ASN D 29 12.24 -1.30 26.30
CA ASN D 29 11.75 0.05 26.45
C ASN D 29 10.38 0.23 25.80
N ILE D 30 9.36 0.41 26.61
CA ILE D 30 8.01 0.50 26.07
C ILE D 30 7.36 1.82 26.45
N ASP D 31 6.63 2.42 25.52
CA ASP D 31 6.04 3.72 25.76
C ASP D 31 4.71 3.90 25.03
N PHE D 32 3.79 4.65 25.64
CA PHE D 32 2.43 4.77 25.13
C PHE D 32 2.06 6.22 24.81
N GLY D 33 1.49 6.45 23.64
CA GLY D 33 0.96 7.76 23.29
C GLY D 33 -0.56 7.72 23.18
N GLU D 34 -1.16 8.82 22.75
CA GLU D 34 -2.61 8.89 22.59
C GLU D 34 -3.14 7.86 21.60
N GLN D 35 -2.36 7.58 20.57
CA GLN D 35 -2.81 6.66 19.53
C GLN D 35 -1.64 5.94 18.88
N ILE D 36 -0.67 5.57 19.72
CA ILE D 36 0.52 4.87 19.25
C ILE D 36 1.12 4.03 20.37
N LEU D 37 1.71 2.91 19.99
CA LEU D 37 2.43 2.03 20.90
C LEU D 37 3.86 2.04 20.45
N SER D 38 4.79 2.09 21.40
CA SER D 38 6.21 2.07 21.11
C SER D 38 6.91 0.92 21.82
N VAL D 39 7.48 0.01 21.06
CA VAL D 39 8.20 -1.10 21.65
C VAL D 39 9.59 -1.17 21.04
N VAL D 40 10.62 -0.98 21.86
CA VAL D 40 12.00 -1.08 21.39
C VAL D 40 12.74 -2.08 22.25
N ILE D 41 13.35 -3.09 21.61
CA ILE D 41 14.04 -4.16 22.34
C ILE D 41 15.48 -4.28 21.89
N GLU D 42 16.39 -4.13 22.85
CA GLU D 42 17.84 -4.10 22.58
C GLU D 42 18.41 -5.50 22.43
N VAL D 43 19.17 -5.72 21.35
CA VAL D 43 19.78 -7.02 21.15
C VAL D 43 21.31 -6.91 21.03
N PRO D 44 22.02 -7.43 22.05
CA PRO D 44 23.46 -7.34 22.25
C PRO D 44 24.29 -7.32 20.96
N GLY D 45 24.13 -8.34 20.12
CA GLY D 45 24.97 -8.47 18.94
C GLY D 45 24.38 -7.97 17.64
N GLU D 46 23.17 -7.41 17.70
CA GLU D 46 22.45 -7.06 16.47
C GLU D 46 21.69 -5.75 16.55
N ASP D 47 20.99 -5.43 15.46
CA ASP D 47 20.13 -4.25 15.42
C ASP D 47 18.95 -4.41 16.37
N ALA D 48 18.48 -3.29 16.90
CA ALA D 48 17.39 -3.33 17.87
C ALA D 48 16.04 -3.60 17.19
N TYR D 49 15.22 -4.43 17.81
CA TYR D 49 13.86 -4.67 17.34
C TYR D 49 12.97 -3.52 17.79
N TYR D 50 12.08 -3.08 16.89
CA TYR D 50 11.08 -2.08 17.27
C TYR D 50 9.73 -2.36 16.61
N LEU D 51 8.66 -2.12 17.38
CA LEU D 51 7.29 -2.22 16.91
C LEU D 51 6.61 -0.95 17.39
N GLN D 52 6.28 -0.08 16.45
CA GLN D 52 5.74 1.23 16.82
C GLN D 52 4.54 1.62 15.94
N PRO D 53 3.47 0.79 15.97
CA PRO D 53 2.31 1.10 15.14
C PRO D 53 1.49 2.28 15.66
N ARG D 54 0.94 3.07 14.74
CA ARG D 54 -0.18 3.93 15.06
C ARG D 54 -1.36 2.99 15.25
N LEU D 55 -2.20 3.23 16.25
CA LEU D 55 -3.19 2.26 16.66
C LEU D 55 -4.56 2.52 16.06
N PHE D 56 -5.34 1.44 15.94
CA PHE D 56 -6.67 1.55 15.37
C PHE D 56 -7.54 2.49 16.20
N GLY D 57 -7.41 2.41 17.52
CA GLY D 57 -8.20 3.26 18.39
C GLY D 57 -7.33 4.04 19.36
N LYS D 58 -7.93 5.02 20.04
CA LYS D 58 -7.21 5.79 21.06
C LYS D 58 -7.13 5.01 22.35
N ILE D 59 -6.05 5.27 23.08
CA ILE D 59 -5.80 4.58 24.33
C ILE D 59 -5.56 5.59 25.45
N ILE D 60 -5.49 5.10 26.69
CA ILE D 60 -5.22 5.91 27.88
C ILE D 60 -3.82 5.60 28.37
N PRO D 61 -2.82 6.38 27.97
CA PRO D 61 -1.43 6.01 28.25
C PRO D 61 -1.16 5.76 29.74
N ASP D 62 -1.75 6.56 30.63
CA ASP D 62 -1.50 6.43 32.05
C ASP D 62 -2.00 5.11 32.62
N LYS D 63 -2.93 4.46 31.92
CA LYS D 63 -3.53 3.21 32.38
C LYS D 63 -2.99 1.96 31.67
N CYS D 64 -2.13 2.16 30.68
CA CYS D 64 -1.49 1.06 29.96
C CYS D 64 -0.39 0.41 30.80
N LYS D 65 -0.22 -0.90 30.66
CA LYS D 65 0.74 -1.65 31.45
C LYS D 65 1.47 -2.68 30.58
N TYR D 66 2.64 -3.14 31.01
CA TYR D 66 3.25 -4.33 30.41
C TYR D 66 3.96 -5.20 31.44
N GLU D 67 4.33 -6.41 31.02
CA GLU D 67 5.15 -7.29 31.85
C GLU D 67 6.09 -8.13 30.99
N VAL D 68 7.37 -8.16 31.38
CA VAL D 68 8.34 -8.99 30.69
C VAL D 68 8.39 -10.38 31.32
N LEU D 69 7.94 -11.38 30.58
CA LEU D 69 7.92 -12.74 31.12
C LEU D 69 9.10 -13.54 30.58
N SER D 70 9.14 -14.81 30.93
CA SER D 70 10.26 -15.66 30.55
C SER D 70 10.24 -15.95 29.05
N THR D 71 9.03 -16.03 28.50
CA THR D 71 8.85 -16.46 27.13
C THR D 71 8.33 -15.38 26.18
N LYS D 72 7.89 -14.26 26.74
CA LYS D 72 7.22 -13.23 25.96
C LYS D 72 7.08 -11.90 26.70
N ILE D 73 6.61 -10.87 25.99
CA ILE D 73 6.22 -9.62 26.63
C ILE D 73 4.74 -9.39 26.37
N GLU D 74 3.98 -9.21 27.44
CA GLU D 74 2.55 -8.94 27.34
C GLU D 74 2.27 -7.45 27.64
N ILE D 75 1.52 -6.80 26.75
CA ILE D 75 1.26 -5.38 26.85
C ILE D 75 -0.25 -5.12 26.87
N CYS D 76 -0.74 -4.47 27.92
CA CYS D 76 -2.18 -4.18 28.05
C CYS D 76 -2.45 -2.72 27.74
N LEU D 77 -3.18 -2.49 26.65
CA LEU D 77 -3.54 -1.15 26.22
C LEU D 77 -4.96 -0.84 26.69
N ALA D 78 -5.12 0.25 27.42
CA ALA D 78 -6.43 0.67 27.89
C ALA D 78 -7.13 1.49 26.80
N LYS D 79 -8.24 0.99 26.27
CA LYS D 79 -8.99 1.71 25.24
C LYS D 79 -9.59 3.00 25.78
N ALA D 80 -9.61 4.04 24.98
CA ALA D 80 -10.25 5.29 25.39
C ALA D 80 -11.75 5.20 25.16
N ASP D 81 -12.16 4.34 24.23
CA ASP D 81 -13.57 4.20 23.87
C ASP D 81 -13.95 2.73 23.83
N ILE D 82 -15.17 2.43 24.24
CA ILE D 82 -15.64 1.05 24.26
C ILE D 82 -16.11 0.60 22.88
N ILE D 83 -15.17 0.16 22.06
CA ILE D 83 -15.49 -0.33 20.73
C ILE D 83 -14.53 -1.45 20.36
N THR D 84 -14.98 -2.33 19.47
CA THR D 84 -14.13 -3.40 18.93
C THR D 84 -13.25 -2.86 17.83
N TRP D 85 -11.94 -3.01 17.99
CA TRP D 85 -10.98 -2.62 16.97
C TRP D 85 -10.97 -3.72 15.92
N ALA D 86 -11.00 -3.34 14.64
CA ALA D 86 -10.97 -4.29 13.54
C ALA D 86 -9.53 -4.77 13.28
N SER D 87 -8.57 -4.03 13.80
CA SER D 87 -7.16 -4.45 13.77
C SER D 87 -6.38 -3.72 14.88
N LEU D 88 -5.10 -4.08 15.02
CA LEU D 88 -4.23 -3.43 15.98
C LEU D 88 -3.83 -2.06 15.45
N GLU D 89 -3.39 -2.06 14.21
CA GLU D 89 -2.73 -0.90 13.63
C GLU D 89 -3.72 -0.04 12.84
N HIS D 90 -3.53 1.26 12.89
CA HIS D 90 -4.40 2.16 12.17
C HIS D 90 -4.36 1.91 10.65
N GLY D 91 -5.54 1.87 10.04
CA GLY D 91 -5.66 1.63 8.61
C GLY D 91 -5.20 0.24 8.21
N LYS D 92 -6.07 -0.71 8.46
CA LYS D 92 -5.84 -2.12 8.28
C LYS D 92 -7.10 -2.96 8.59
N ALA E 1 12.70 -0.42 0.73
CA ALA E 1 13.84 -1.35 0.64
C ALA E 1 15.17 -0.59 0.65
N ALA E 2 15.93 -1.46 1.07
CA ALA E 2 17.28 -0.90 1.00
C ALA E 2 17.91 -1.14 -0.38
N VAL E 3 19.04 -0.49 -0.65
CA VAL E 3 19.70 -0.65 -1.94
C VAL E 3 19.99 -2.13 -2.22
N ILE E 4 19.88 -2.54 -3.47
CA ILE E 4 20.29 -3.89 -3.85
C ILE E 4 21.30 -3.89 -5.01
N ASP E 5 21.89 -5.05 -5.25
CA ASP E 5 22.79 -5.26 -6.37
C ASP E 5 22.14 -6.27 -7.31
N ILE E 6 21.63 -5.82 -8.46
CA ILE E 6 20.87 -6.69 -9.35
C ILE E 6 21.69 -7.85 -9.94
N ASN E 7 23.00 -7.79 -9.75
CA ASN E 7 23.88 -8.87 -10.19
C ASN E 7 24.15 -9.93 -9.11
N GLN E 8 23.64 -9.70 -7.90
CA GLN E 8 23.92 -10.59 -6.78
C GLN E 8 22.93 -11.76 -6.68
N PRO E 9 23.45 -13.00 -6.66
CA PRO E 9 22.60 -14.19 -6.53
C PRO E 9 21.84 -14.20 -5.20
N GLN E 10 20.57 -14.59 -5.23
CA GLN E 10 19.75 -14.67 -4.03
C GLN E 10 19.00 -16.01 -4.03
N VAL E 11 18.51 -16.43 -2.88
CA VAL E 11 17.66 -17.61 -2.85
C VAL E 11 16.19 -17.15 -2.79
N CYS E 12 15.38 -17.62 -3.72
CA CYS E 12 13.96 -17.27 -3.71
C CYS E 12 13.27 -18.02 -2.58
N LYS E 13 12.46 -17.30 -1.81
CA LYS E 13 11.81 -17.90 -0.66
C LYS E 13 10.34 -18.21 -0.90
N ASN E 14 9.88 -18.04 -2.14
CA ASN E 14 8.52 -18.41 -2.50
C ASN E 14 8.32 -19.92 -2.41
N LYS E 15 7.17 -20.34 -1.90
CA LYS E 15 6.89 -21.76 -1.69
C LYS E 15 6.86 -22.55 -3.00
N GLY E 16 7.71 -23.58 -3.07
CA GLY E 16 7.75 -24.43 -4.25
C GLY E 16 8.79 -23.98 -5.27
N CYS E 17 9.52 -22.91 -4.96
CA CYS E 17 10.63 -22.46 -5.82
C CYS E 17 11.98 -22.76 -5.17
N GLY E 18 12.42 -21.90 -4.26
CA GLY E 18 13.72 -22.05 -3.62
C GLY E 18 14.92 -21.94 -4.55
N GLN E 19 14.72 -21.46 -5.77
CA GLN E 19 15.83 -21.32 -6.71
C GLN E 19 16.73 -20.11 -6.45
N THR E 20 17.97 -20.23 -6.88
CA THR E 20 18.91 -19.11 -6.86
C THR E 20 18.69 -18.27 -8.10
N PHE E 21 18.52 -16.96 -7.91
CA PHE E 21 18.24 -16.05 -9.02
C PHE E 21 18.95 -14.70 -8.84
N LYS E 22 19.06 -13.95 -9.93
CA LYS E 22 19.82 -12.70 -9.89
C LYS E 22 19.01 -11.40 -9.81
N GLU E 23 17.84 -11.33 -10.42
CA GLU E 23 17.06 -10.09 -10.20
C GLU E 23 17.23 -9.21 -11.44
N ARG E 24 18.47 -9.07 -11.90
CA ARG E 24 18.70 -8.55 -13.24
C ARG E 24 17.94 -9.43 -14.21
N ASP E 25 17.74 -10.69 -13.82
CA ASP E 25 17.02 -11.68 -14.61
C ASP E 25 15.57 -11.89 -14.15
N ASN E 26 15.18 -11.22 -13.07
CA ASN E 26 13.85 -11.39 -12.50
C ASN E 26 12.79 -10.69 -13.35
N HIS E 27 11.54 -11.16 -13.29
CA HIS E 27 10.44 -10.53 -14.01
C HIS E 27 9.11 -11.07 -13.50
N GLU E 28 8.02 -10.51 -14.00
CA GLU E 28 6.71 -10.71 -13.37
C GLU E 28 6.14 -12.14 -13.48
N THR E 29 6.62 -12.94 -14.42
CA THR E 29 6.22 -14.34 -14.47
C THR E 29 7.40 -15.31 -14.34
N ALA E 30 8.50 -14.86 -13.75
CA ALA E 30 9.70 -15.70 -13.60
C ALA E 30 9.59 -16.90 -12.65
N CYS E 31 8.80 -16.74 -11.60
CA CYS E 31 8.81 -17.68 -10.48
C CYS E 31 7.52 -18.49 -10.39
N SER E 32 7.61 -19.81 -10.50
CA SER E 32 6.43 -20.62 -10.26
C SER E 32 6.39 -21.14 -8.84
N HIS E 33 5.30 -20.83 -8.15
CA HIS E 33 5.23 -21.02 -6.71
C HIS E 33 3.76 -21.02 -6.27
N HIS E 34 3.51 -21.51 -5.06
CA HIS E 34 2.22 -21.34 -4.37
C HIS E 34 2.32 -20.05 -3.53
N PRO E 35 1.49 -19.04 -3.82
CA PRO E 35 1.50 -17.87 -2.93
C PRO E 35 1.08 -18.23 -1.51
N GLY E 36 0.30 -19.31 -1.35
CA GLY E 36 -0.09 -19.80 -0.04
C GLY E 36 -1.23 -18.98 0.53
N PRO E 37 -1.58 -19.19 1.81
CA PRO E 37 -0.99 -20.13 2.76
C PRO E 37 -1.45 -21.58 2.53
N ALA E 38 -0.69 -22.52 3.08
CA ALA E 38 -1.14 -23.88 3.27
C ALA E 38 -2.35 -23.87 4.21
N VAL E 39 -3.25 -24.82 4.01
CA VAL E 39 -4.48 -24.92 4.79
C VAL E 39 -4.61 -26.35 5.29
N PHE E 40 -4.81 -26.52 6.59
CA PHE E 40 -5.02 -27.83 7.18
C PHE E 40 -6.29 -27.76 7.99
N HIS E 41 -7.37 -28.30 7.45
CA HIS E 41 -8.69 -28.03 7.99
C HIS E 41 -9.66 -29.17 7.75
N ASP E 42 -10.31 -29.59 8.82
CA ASP E 42 -11.30 -30.65 8.76
C ASP E 42 -10.74 -31.89 8.07
N ARG E 43 -9.49 -32.24 8.38
CA ARG E 43 -8.83 -33.41 7.83
C ARG E 43 -8.39 -33.29 6.37
N LEU E 44 -8.53 -32.10 5.79
CA LEU E 44 -8.05 -31.88 4.43
C LEU E 44 -6.74 -31.06 4.46
N ARG E 45 -5.83 -31.40 3.56
CA ARG E 45 -4.57 -30.67 3.39
C ARG E 45 -4.54 -30.01 2.02
N GLY E 46 -4.17 -28.72 1.97
CA GLY E 46 -4.23 -28.02 0.71
C GLY E 46 -3.62 -26.64 0.71
N TRP E 47 -3.89 -25.91 -0.37
CA TRP E 47 -3.31 -24.60 -0.62
C TRP E 47 -4.45 -23.64 -0.92
N LYS E 48 -4.48 -22.52 -0.19
CA LYS E 48 -5.55 -21.55 -0.37
C LYS E 48 -5.44 -20.78 -1.70
N CYS E 49 -4.21 -20.62 -2.20
CA CYS E 49 -3.98 -19.88 -3.44
C CYS E 49 -4.71 -20.51 -4.63
N CYS E 50 -4.54 -21.80 -4.83
CA CYS E 50 -5.21 -22.49 -5.94
C CYS E 50 -6.47 -23.26 -5.50
N ASP E 51 -6.74 -23.26 -4.20
CA ASP E 51 -7.93 -23.90 -3.66
C ASP E 51 -7.97 -25.39 -4.00
N VAL E 52 -6.83 -26.07 -3.92
CA VAL E 52 -6.84 -27.52 -4.07
C VAL E 52 -6.59 -28.15 -2.72
N HIS E 53 -7.45 -29.10 -2.34
CA HIS E 53 -7.42 -29.72 -1.01
C HIS E 53 -7.60 -31.21 -1.19
N VAL E 54 -6.83 -32.02 -0.48
CA VAL E 54 -6.47 -33.32 -1.02
C VAL E 54 -6.79 -34.61 -0.27
N LYS E 55 -6.56 -34.65 1.05
CA LYS E 55 -6.88 -35.86 1.86
C LYS E 55 -5.68 -36.48 2.57
N GLU E 56 -4.61 -36.75 1.83
CA GLU E 56 -3.40 -37.28 2.45
C GLU E 56 -2.30 -36.22 2.51
N PHE E 57 -1.53 -36.23 3.58
CA PHE E 57 -0.50 -35.21 3.74
C PHE E 57 0.51 -35.29 2.60
N ASP E 58 0.91 -36.50 2.28
CA ASP E 58 1.96 -36.72 1.28
C ASP E 58 1.49 -36.28 -0.10
N GLU E 59 0.22 -36.53 -0.38
CA GLU E 59 -0.44 -36.04 -1.58
C GLU E 59 -0.42 -34.51 -1.62
N PHE E 60 -0.70 -33.89 -0.48
CA PHE E 60 -0.69 -32.44 -0.39
C PHE E 60 0.69 -31.91 -0.82
N MET E 61 1.75 -32.60 -0.39
CA MET E 61 3.11 -32.22 -0.75
C MET E 61 3.39 -32.25 -2.26
N GLU E 62 2.54 -32.89 -3.04
CA GLU E 62 2.81 -33.01 -4.47
C GLU E 62 1.98 -32.04 -5.29
N ILE E 63 1.14 -31.25 -4.64
CA ILE E 63 0.32 -30.31 -5.41
C ILE E 63 1.25 -29.28 -6.03
N PRO E 64 1.27 -29.21 -7.36
CA PRO E 64 2.19 -28.37 -8.12
C PRO E 64 1.92 -26.88 -7.93
N PRO E 65 2.98 -26.08 -7.91
CA PRO E 65 2.95 -24.61 -7.87
C PRO E 65 1.89 -24.12 -8.83
N CYS E 66 1.13 -23.11 -8.44
CA CYS E 66 -0.05 -22.74 -9.19
C CYS E 66 0.09 -21.37 -9.85
N THR E 67 1.11 -20.61 -9.45
CA THR E 67 1.19 -19.20 -9.84
C THR E 67 2.54 -18.81 -10.42
N LYS E 68 2.52 -17.96 -11.44
CA LYS E 68 3.76 -17.36 -11.94
C LYS E 68 3.88 -15.91 -11.52
N GLY E 69 4.95 -15.58 -10.80
CA GLY E 69 5.15 -14.22 -10.33
C GLY E 69 6.63 -13.85 -10.33
N TRP E 70 6.98 -12.85 -9.52
CA TRP E 70 8.37 -12.46 -9.30
C TRP E 70 9.04 -13.41 -8.30
N HIS E 71 10.28 -13.78 -8.54
CA HIS E 71 11.08 -14.39 -7.48
C HIS E 71 11.16 -13.36 -6.36
N SER E 72 11.24 -13.82 -5.12
CA SER E 72 11.36 -12.92 -3.99
C SER E 72 12.44 -13.37 -3.01
N SER E 73 13.43 -12.50 -2.86
CA SER E 73 14.54 -12.72 -1.94
C SER E 73 14.08 -12.64 -0.48
N SER E 74 12.78 -12.43 -0.28
CA SER E 74 12.18 -12.42 1.06
C SER E 74 10.66 -12.41 0.98
N ALA F 1 9.55 2.94 7.68
CA ALA F 1 9.81 3.94 8.70
C ALA F 1 10.95 3.50 9.54
N ALA F 2 11.91 4.38 9.77
CA ALA F 2 12.92 4.05 10.77
C ALA F 2 12.41 4.29 12.19
N VAL F 3 13.13 3.74 13.17
CA VAL F 3 12.74 3.89 14.56
C VAL F 3 12.48 5.34 14.93
N ILE F 4 11.51 5.58 15.81
CA ILE F 4 11.25 6.95 16.28
C ILE F 4 11.28 7.08 17.80
N ASP F 5 11.37 8.33 18.26
CA ASP F 5 11.23 8.68 19.65
C ASP F 5 9.96 9.52 19.83
N ILE F 6 8.93 8.93 20.43
CA ILE F 6 7.61 9.56 20.50
C ILE F 6 7.56 10.77 21.42
N ASN F 7 8.63 10.97 22.19
CA ASN F 7 8.78 12.18 22.99
C ASN F 7 9.55 13.32 22.28
N GLN F 8 10.06 13.05 21.08
CA GLN F 8 10.86 14.04 20.35
C GLN F 8 10.03 15.04 19.55
N PRO F 9 10.22 16.35 19.83
CA PRO F 9 9.52 17.42 19.09
C PRO F 9 9.84 17.39 17.60
N GLN F 10 8.82 17.57 16.76
CA GLN F 10 8.96 17.56 15.31
C GLN F 10 8.18 18.73 14.71
N VAL F 11 8.56 19.16 13.52
CA VAL F 11 7.78 20.16 12.82
C VAL F 11 6.88 19.47 11.80
N CYS F 12 5.57 19.67 11.93
CA CYS F 12 4.63 19.09 10.97
C CYS F 12 4.75 19.81 9.63
N LYS F 13 4.86 19.03 8.55
CA LYS F 13 5.03 19.59 7.21
C LYS F 13 3.71 19.65 6.43
N ASN F 14 2.60 19.33 7.08
CA ASN F 14 1.29 19.44 6.43
C ASN F 14 0.96 20.91 6.11
N LYS F 15 0.45 21.15 4.91
CA LYS F 15 0.13 22.50 4.46
C LYS F 15 -0.95 23.18 5.32
N GLY F 16 -0.61 24.32 5.91
CA GLY F 16 -1.55 25.05 6.72
C GLY F 16 -1.39 24.73 8.20
N CYS F 17 -0.41 23.89 8.52
CA CYS F 17 -0.09 23.55 9.91
C CYS F 17 1.28 24.09 10.34
N GLY F 18 2.34 23.37 10.01
CA GLY F 18 3.68 23.75 10.42
C GLY F 18 3.90 23.76 11.93
N GLN F 19 3.00 23.17 12.70
CA GLN F 19 3.18 23.18 14.16
C GLN F 19 4.23 22.18 14.66
N THR F 20 4.82 22.49 15.81
CA THR F 20 5.71 21.56 16.49
C THR F 20 4.86 20.62 17.32
N PHE F 21 5.15 19.32 17.24
CA PHE F 21 4.35 18.30 17.93
C PHE F 21 5.22 17.11 18.31
N LYS F 22 4.73 16.27 19.23
CA LYS F 22 5.56 15.16 19.74
C LYS F 22 5.33 13.78 19.12
N GLU F 23 4.09 13.37 18.96
CA GLU F 23 3.82 12.07 18.34
C GLU F 23 3.15 11.22 19.39
N ARG F 24 3.67 11.24 20.62
CA ARG F 24 2.94 10.67 21.73
C ARG F 24 1.62 11.43 21.89
N ASP F 25 1.57 12.64 21.35
CA ASP F 25 0.35 13.46 21.39
C ASP F 25 -0.42 13.45 20.06
N ASN F 26 0.18 12.85 19.05
CA ASN F 26 -0.39 12.77 17.72
C ASN F 26 -1.60 11.80 17.70
N HIS F 27 -2.57 12.08 16.83
CA HIS F 27 -3.72 11.19 16.65
C HIS F 27 -4.42 11.52 15.33
N GLU F 28 -5.45 10.75 15.01
CA GLU F 28 -6.01 10.75 13.65
C GLU F 28 -6.73 12.03 13.27
N THR F 29 -7.15 12.83 14.26
CA THR F 29 -7.72 14.12 13.92
C THR F 29 -6.96 15.30 14.54
N ALA F 30 -5.67 15.10 14.85
CA ALA F 30 -4.88 16.16 15.50
C ALA F 30 -4.57 17.39 14.63
N CYS F 31 -4.35 17.16 13.34
CA CYS F 31 -3.76 18.18 12.49
C CYS F 31 -4.78 18.76 11.51
N SER F 32 -5.00 20.06 11.54
CA SER F 32 -5.83 20.65 10.50
C SER F 32 -4.97 21.25 9.40
N HIS F 33 -5.24 20.82 8.17
CA HIS F 33 -4.37 21.10 7.05
C HIS F 33 -5.15 20.92 5.73
N HIS F 34 -4.52 21.34 4.64
CA HIS F 34 -4.97 21.03 3.27
C HIS F 34 -4.11 19.85 2.81
N PRO F 35 -4.74 18.67 2.55
CA PRO F 35 -3.95 17.60 1.92
C PRO F 35 -3.35 18.02 0.57
N GLY F 36 -3.99 18.95 -0.14
CA GLY F 36 -3.46 19.43 -1.42
C GLY F 36 -3.79 18.45 -2.53
N PRO F 37 -3.20 18.65 -3.71
CA PRO F 37 -2.26 19.72 -4.06
C PRO F 37 -2.98 21.05 -4.32
N ALA F 38 -2.22 22.13 -4.30
CA ALA F 38 -2.67 23.43 -4.79
C ALA F 38 -2.96 23.30 -6.27
N VAL F 39 -3.91 24.08 -6.76
CA VAL F 39 -4.28 24.05 -8.17
C VAL F 39 -4.30 25.47 -8.74
N PHE F 40 -3.62 25.67 -9.86
CA PHE F 40 -3.56 26.95 -10.55
C PHE F 40 -3.92 26.70 -12.00
N HIS F 41 -5.14 27.04 -12.36
CA HIS F 41 -5.67 26.58 -13.63
C HIS F 41 -6.76 27.52 -14.17
N ASP F 42 -6.61 27.92 -15.43
CA ASP F 42 -7.54 28.83 -16.08
C ASP F 42 -7.77 30.08 -15.25
N ARG F 43 -6.71 30.63 -14.67
CA ARG F 43 -6.84 31.86 -13.91
C ARG F 43 -7.51 31.71 -12.56
N LEU F 44 -7.80 30.48 -12.15
CA LEU F 44 -8.33 30.24 -10.81
C LEU F 44 -7.23 29.66 -9.91
N ARG F 45 -7.25 30.04 -8.63
CA ARG F 45 -6.27 29.57 -7.66
C ARG F 45 -7.00 28.82 -6.55
N GLY F 46 -6.56 27.62 -6.21
CA GLY F 46 -7.30 26.83 -5.27
C GLY F 46 -6.66 25.56 -4.74
N TRP F 47 -7.49 24.74 -4.10
CA TRP F 47 -7.05 23.51 -3.46
C TRP F 47 -7.92 22.36 -3.93
N LYS F 48 -7.30 21.31 -4.45
CA LYS F 48 -8.05 20.15 -4.92
C LYS F 48 -8.72 19.39 -3.77
N CYS F 49 -8.08 19.34 -2.62
CA CYS F 49 -8.60 18.59 -1.48
C CYS F 49 -10.02 19.02 -1.10
N CYS F 50 -10.26 20.32 -0.96
CA CYS F 50 -11.59 20.81 -0.63
C CYS F 50 -12.35 21.38 -1.85
N ASP F 51 -11.68 21.42 -2.99
CA ASP F 51 -12.29 21.91 -4.22
C ASP F 51 -12.80 23.34 -4.09
N VAL F 52 -12.05 24.20 -3.42
CA VAL F 52 -12.43 25.59 -3.48
C VAL F 52 -11.38 26.36 -4.28
N HIS F 53 -11.86 27.10 -5.27
CA HIS F 53 -11.00 27.81 -6.21
C HIS F 53 -11.50 29.21 -6.30
N VAL F 54 -10.57 30.15 -6.35
CA VAL F 54 -10.93 31.55 -6.24
C VAL F 54 -10.17 32.37 -7.27
N LYS F 55 -10.59 33.62 -7.47
CA LYS F 55 -10.07 34.44 -8.56
C LYS F 55 -8.74 35.12 -8.24
N GLU F 56 -8.50 35.46 -6.99
CA GLU F 56 -7.29 36.20 -6.66
C GLU F 56 -6.28 35.39 -5.87
N PHE F 57 -5.00 35.56 -6.18
CA PHE F 57 -3.97 34.78 -5.49
C PHE F 57 -4.02 34.96 -3.98
N ASP F 58 -4.12 36.21 -3.53
CA ASP F 58 -4.08 36.49 -2.11
C ASP F 58 -5.31 35.95 -1.37
N GLU F 59 -6.44 35.91 -2.07
CA GLU F 59 -7.64 35.24 -1.59
C GLU F 59 -7.35 33.74 -1.41
N PHE F 60 -6.62 33.16 -2.36
CA PHE F 60 -6.26 31.75 -2.32
C PHE F 60 -5.48 31.42 -1.05
N MET F 61 -4.54 32.29 -0.70
CA MET F 61 -3.76 32.15 0.52
C MET F 61 -4.60 32.11 1.80
N GLU F 62 -5.85 32.56 1.74
CA GLU F 62 -6.69 32.61 2.94
C GLU F 62 -7.66 31.46 3.05
N ILE F 63 -7.69 30.58 2.05
CA ILE F 63 -8.61 29.46 2.15
C ILE F 63 -8.19 28.58 3.33
N PRO F 64 -9.09 28.43 4.31
CA PRO F 64 -8.81 27.70 5.54
C PRO F 64 -8.63 26.22 5.29
N PRO F 65 -7.71 25.59 6.02
CA PRO F 65 -7.46 24.15 6.06
C PRO F 65 -8.77 23.41 6.17
N CYS F 66 -8.90 22.30 5.44
CA CYS F 66 -10.19 21.65 5.26
C CYS F 66 -10.26 20.30 5.95
N THR F 67 -9.11 19.78 6.38
CA THR F 67 -9.06 18.39 6.83
C THR F 67 -8.40 18.23 8.19
N LYS F 68 -8.98 17.36 9.02
CA LYS F 68 -8.31 16.94 10.25
C LYS F 68 -7.66 15.57 10.04
N GLY F 69 -6.36 15.47 10.26
CA GLY F 69 -5.65 14.22 10.09
C GLY F 69 -4.56 14.04 11.13
N TRP F 70 -3.58 13.19 10.81
CA TRP F 70 -2.37 13.04 11.61
C TRP F 70 -1.38 14.15 11.27
N HIS F 71 -0.72 14.71 12.27
CA HIS F 71 0.48 15.49 12.01
C HIS F 71 1.48 14.58 11.31
N SER F 72 2.31 15.15 10.45
CA SER F 72 3.29 14.37 9.71
C SER F 72 4.66 15.05 9.66
N SER F 73 5.66 14.39 10.21
CA SER F 73 7.01 14.93 10.22
C SER F 73 7.65 14.88 8.84
N SER F 74 6.98 14.21 7.92
CA SER F 74 7.44 14.11 6.53
C SER F 74 6.27 14.25 5.57
PB ADP G . -12.29 -24.92 12.71
O1B ADP G . -11.38 -23.72 12.67
O2B ADP G . -13.25 -25.00 11.56
O3B ADP G . -11.56 -26.22 12.96
PA ADP G . -13.34 -25.34 15.42
O1A ADP G . -13.40 -26.83 15.30
O2A ADP G . -14.41 -24.65 16.24
O3A ADP G . -13.31 -24.63 13.95
O5' ADP G . -11.92 -24.89 16.03
C5' ADP G . -11.68 -23.50 16.20
C4' ADP G . -10.18 -23.23 16.31
O4' ADP G . -9.67 -23.65 17.58
C3' ADP G . -9.35 -24.01 15.30
O3' ADP G . -9.32 -23.36 14.02
C2' ADP G . -8.00 -24.07 15.96
O2' ADP G . -7.25 -22.86 15.68
C1' ADP G . -8.33 -24.13 17.44
N9 ADP G . -8.28 -25.53 17.93
C8 ADP G . -9.32 -26.35 18.19
N7 ADP G . -8.90 -27.58 18.63
C5 ADP G . -7.55 -27.55 18.66
C6 ADP G . -6.47 -28.50 19.01
N6 ADP G . -6.73 -29.76 19.44
N1 ADP G . -5.18 -28.06 18.90
C2 ADP G . -4.89 -26.82 18.48
N3 ADP G . -5.83 -25.91 18.14
C4 ADP G . -7.15 -26.21 18.20
MG MG H . -12.97 -28.06 13.34
PB ADP I . -4.60 23.21 -19.28
O1B ADP I . -3.73 22.20 -18.56
O2B ADP I . -6.06 23.02 -19.04
O3B ADP I . -4.14 24.63 -19.04
PA ADP I . -3.60 23.61 -22.02
O1A ADP I . -4.00 25.03 -22.11
O2A ADP I . -3.72 22.78 -23.29
O3A ADP I . -4.43 22.81 -20.86
O5' ADP I . -2.07 23.46 -21.52
C5' ADP I . -1.57 22.14 -21.28
C4' ADP I . -0.34 22.18 -20.36
O4' ADP I . 0.79 22.76 -21.03
C3' ADP I . -0.55 23.06 -19.14
O3' ADP I . -1.31 22.40 -18.12
C2' ADP I . 0.89 23.38 -18.73
O2' ADP I . 1.46 22.32 -17.95
C1' ADP I . 1.61 23.46 -20.08
N9 ADP I . 1.72 24.89 -20.50
C8 ADP I . 0.98 25.55 -21.41
N7 ADP I . 1.37 26.86 -21.53
C5 ADP I . 2.39 27.05 -20.66
C6 ADP I . 3.26 28.18 -20.26
N6 ADP I . 3.13 29.41 -20.81
N1 ADP I . 4.21 27.93 -19.30
C2 ADP I . 4.34 26.71 -18.73
N3 ADP I . 3.59 25.64 -19.05
C4 ADP I . 2.61 25.75 -19.98
MG MG J . -5.12 26.30 -20.40
ZN ZN K . 11.16 -18.05 -7.22
ZN ZN L . -1.35 -22.70 -5.03
ZN ZN M . 0.06 19.17 11.64
ZN ZN N . -8.29 21.74 1.28
#